data_7WI0
#
_entry.id   7WI0
#
_cell.length_a   1.00
_cell.length_b   1.00
_cell.length_c   1.00
_cell.angle_alpha   90.00
_cell.angle_beta   90.00
_cell.angle_gamma   90.00
#
_symmetry.space_group_name_H-M   'P 1'
#
loop_
_entity.id
_entity.type
_entity.pdbx_description
1 polymer 'Spike protein S1'
2 polymer 'XMA04 heavy chain variable domain'
3 polymer 'XMA01 heavy chain variable domain'
4 polymer 'IGL c4029_light_IGKV1-39_IGKJ2'
5 polymer 'IG c934_light_IGKV1-5_IGKJ1'
6 polymer 'XMA09 heavy chain variable domain'
7 polymer 'IG c1437_light_IGLV1-40_IGLJ1'
8 non-polymer 2-acetamido-2-deoxy-beta-D-glucopyranose
#
loop_
_entity_poly.entity_id
_entity_poly.type
_entity_poly.pdbx_seq_one_letter_code
_entity_poly.pdbx_strand_id
1 'polypeptide(L)'
;TNLCPFDEVFNATRFASVYAWNRKRISNCVADYSVLYNLAPFFTFKCYGVSPTKLNDLCFTNVYADSFVIRGDEVRQIAP
GQTGNIADYNYKLPDDFTGCVIAWNSNKLDSKVSGNYNYLYRLFRKSNLKPFERDISTEIYQAGNKPCNGVAGFNCYFPL
RSYSFRPTYGVGHQPYRVVVLSFELLHAPATVCGP
;
A
2 'polypeptide(L)'
;EVQLVESGGGVVQPGRSLRLSCAASGFTFRTYAMHWVRQAPGKGLEWVAVMWNDGSNKYYADSVKGRFTISRDNSKNTLY
LEMNSLRAEDTAVYYCAREGVAAAGSSSDAFDIWGQGTMVTVSS
;
B
3 'polypeptide(L)'
;EVQLVESGGGLVQPGGSLRLSCSASGFTFSSYAMHWVRQAPGKGLEYVSSISSNGGSTYYADSVKGRFTISRDNSKNTLY
LQMSSLRVEDAAVYYCVKHYQQQLLWGGPDVWGQGTTVTVSS
;
C
4 'polypeptide(L)'
;DIQMTQSPSSLSASVGDRVTITCRASQSISNFLNWYQQKPGKAPKLLIYAASSLQSGVPSRFSGSGSGTDFTLTISSLQP
EDFATYYCQQSYSTLYSFGQGTKLEIK
;
D
5 'polypeptide(L)'
;DIQMTQSPVSLSASVGDRVTITCRASQSISTWLAWYQQKPGKAPKLLIYETSSLESGVPSRFSGSGSGTEFTLTISSLQP
DDFATYYCQQFNSYPWTFGQGTKVEIK
;
E
6 'polypeptide(L)'
;QVQLVQSGAEVKKPGSSVKVSCKASGGTFSSFAISWVRQAPGQGLEWMGGIIPIYGTANYAQKFQGRVTITADESTSTAY
MDLSSLRSEDTAVYYCARDGSSTYYPHNWFDPWGQGTLVTVSS
;
H
7 'polypeptide(L)'
;QSVLTQPPSVSGAPGQRVTISCTGSSSNIGSGYDVHWYQQLPGTAPKLLIYGNSNRPSGVPDRFSGSKSGTSASLAITGL
QAEDEADYYCQSYDSSLSGVFGTGTKVTVL
;
L
#
# COMPACT_ATOMS: atom_id res chain seq x y z
N ASN A 2 -12.61 -33.45 9.48
CA ASN A 2 -11.45 -33.17 8.64
C ASN A 2 -10.50 -32.20 9.34
N LEU A 3 -9.23 -32.27 8.98
CA LEU A 3 -8.19 -31.48 9.65
C LEU A 3 -8.28 -30.01 9.26
N CYS A 4 -7.52 -29.19 9.98
CA CYS A 4 -7.53 -27.76 9.75
C CYS A 4 -6.76 -27.42 8.49
N PRO A 5 -7.22 -26.45 7.69
CA PRO A 5 -6.46 -26.07 6.49
C PRO A 5 -5.42 -24.99 6.77
N PHE A 6 -4.58 -25.20 7.78
CA PHE A 6 -3.52 -24.25 8.09
C PHE A 6 -2.37 -24.31 7.11
N ASP A 7 -2.34 -25.32 6.24
CA ASP A 7 -1.27 -25.41 5.25
C ASP A 7 -1.40 -24.34 4.18
N GLU A 8 -2.60 -23.79 3.99
CA GLU A 8 -2.81 -22.77 2.98
C GLU A 8 -2.65 -21.35 3.52
N VAL A 9 -2.41 -21.19 4.82
CA VAL A 9 -2.19 -19.87 5.43
C VAL A 9 -0.73 -19.64 5.77
N PHE A 10 -0.14 -20.56 6.54
CA PHE A 10 1.25 -20.37 6.96
C PHE A 10 2.22 -20.67 5.83
N ASN A 11 1.96 -21.72 5.06
CA ASN A 11 2.88 -22.15 4.02
C ASN A 11 2.57 -21.54 2.66
N ALA A 12 1.90 -20.39 2.62
CA ALA A 12 1.67 -19.72 1.36
C ALA A 12 2.97 -19.12 0.84
N THR A 13 3.03 -18.91 -0.47
CA THR A 13 4.30 -18.54 -1.08
C THR A 13 4.57 -17.04 -1.01
N ARG A 14 3.54 -16.20 -0.92
CA ARG A 14 3.71 -14.76 -0.79
C ARG A 14 2.63 -14.19 0.11
N PHE A 15 3.04 -13.28 0.97
CA PHE A 15 2.11 -12.65 1.89
C PHE A 15 1.71 -11.30 1.32
N ALA A 16 0.77 -10.65 1.99
CA ALA A 16 0.37 -9.31 1.63
C ALA A 16 1.23 -8.31 2.38
N SER A 17 1.25 -7.07 1.88
CA SER A 17 1.95 -6.04 2.64
C SER A 17 1.03 -5.48 3.71
N VAL A 18 1.62 -4.78 4.68
CA VAL A 18 0.89 -4.49 5.92
C VAL A 18 -0.15 -3.39 5.75
N TYR A 19 -0.07 -2.60 4.67
CA TYR A 19 -1.10 -1.59 4.47
C TYR A 19 -2.37 -2.17 3.86
N ALA A 20 -2.27 -3.26 3.10
CA ALA A 20 -3.42 -3.94 2.51
C ALA A 20 -3.24 -5.44 2.72
N TRP A 21 -3.75 -5.94 3.83
CA TRP A 21 -3.54 -7.33 4.21
C TRP A 21 -4.74 -8.18 3.81
N ASN A 22 -4.56 -9.50 3.81
CA ASN A 22 -5.62 -10.44 3.48
C ASN A 22 -6.18 -11.02 4.76
N ARG A 23 -7.46 -11.35 4.73
CA ARG A 23 -8.12 -12.03 5.85
C ARG A 23 -8.81 -13.26 5.32
N LYS A 24 -8.46 -14.42 5.87
CA LYS A 24 -9.07 -15.69 5.49
C LYS A 24 -9.93 -16.21 6.62
N ARG A 25 -10.96 -16.98 6.26
CA ARG A 25 -11.85 -17.58 7.24
C ARG A 25 -11.56 -19.07 7.34
N ILE A 26 -11.57 -19.57 8.57
CA ILE A 26 -11.32 -20.99 8.84
C ILE A 26 -12.56 -21.55 9.51
N SER A 27 -13.15 -22.59 8.91
CA SER A 27 -14.40 -23.14 9.43
C SER A 27 -14.52 -24.60 9.04
N ASN A 28 -15.27 -25.33 9.88
CA ASN A 28 -15.58 -26.76 9.71
C ASN A 28 -14.31 -27.62 9.66
N CYS A 29 -13.61 -27.65 10.79
CA CYS A 29 -12.38 -28.41 10.90
C CYS A 29 -12.11 -28.73 12.37
N VAL A 30 -11.01 -29.42 12.61
CA VAL A 30 -10.51 -29.66 13.97
C VAL A 30 -9.22 -28.86 14.15
N ALA A 31 -9.12 -28.18 15.28
CA ALA A 31 -8.02 -27.23 15.51
C ALA A 31 -6.82 -27.97 16.06
N ASP A 32 -6.12 -28.69 15.19
CA ASP A 32 -4.93 -29.43 15.61
C ASP A 32 -3.74 -28.50 15.52
N TYR A 33 -3.41 -27.86 16.64
CA TYR A 33 -2.24 -26.99 16.71
C TYR A 33 -0.95 -27.76 16.91
N SER A 34 -1.02 -29.08 17.09
CA SER A 34 0.17 -29.88 17.32
C SER A 34 1.00 -30.06 16.06
N VAL A 35 0.43 -29.76 14.89
CA VAL A 35 1.22 -29.70 13.67
C VAL A 35 1.93 -28.36 13.58
N LEU A 36 1.51 -27.38 14.39
CA LEU A 36 2.04 -26.03 14.34
C LEU A 36 2.93 -25.69 15.51
N TYR A 37 2.61 -26.20 16.70
CA TYR A 37 3.26 -25.72 17.92
C TYR A 37 4.69 -26.25 18.06
N ASN A 38 4.97 -27.41 17.46
CA ASN A 38 6.29 -28.02 17.55
C ASN A 38 7.20 -27.55 16.41
N LEU A 39 7.27 -26.22 16.27
CA LEU A 39 8.04 -25.54 15.23
C LEU A 39 8.84 -24.42 15.87
N ALA A 40 9.62 -24.76 16.91
CA ALA A 40 10.38 -23.93 17.84
C ALA A 40 11.14 -22.73 17.25
N PRO A 41 11.61 -22.75 15.99
CA PRO A 41 11.97 -21.46 15.34
C PRO A 41 10.82 -20.48 15.14
N PHE A 42 9.56 -20.81 15.46
CA PHE A 42 8.48 -19.82 15.49
C PHE A 42 8.73 -18.97 16.72
N PHE A 43 9.53 -17.91 16.52
CA PHE A 43 10.17 -17.17 17.60
C PHE A 43 9.20 -16.42 18.50
N THR A 44 7.95 -16.24 18.10
CA THR A 44 6.96 -15.61 18.95
C THR A 44 5.65 -16.37 18.84
N PHE A 45 5.06 -16.67 19.98
CA PHE A 45 3.76 -17.32 20.05
C PHE A 45 2.93 -16.67 21.14
N LYS A 46 2.91 -15.34 21.16
CA LYS A 46 2.24 -14.64 22.24
C LYS A 46 0.74 -14.76 22.10
N CYS A 47 0.05 -14.99 23.22
CA CYS A 47 -1.40 -15.20 23.20
C CYS A 47 -2.05 -14.26 24.21
N TYR A 48 -2.80 -13.29 23.70
CA TYR A 48 -3.64 -12.45 24.54
C TYR A 48 -5.04 -13.04 24.60
N GLY A 49 -5.71 -12.83 25.72
CA GLY A 49 -7.06 -13.32 25.90
C GLY A 49 -7.15 -14.78 26.29
N VAL A 50 -6.59 -15.66 25.48
CA VAL A 50 -6.58 -17.09 25.75
C VAL A 50 -5.15 -17.50 26.07
N SER A 51 -4.99 -18.63 26.76
CA SER A 51 -3.67 -19.09 27.16
C SER A 51 -3.14 -20.11 26.17
N PRO A 52 -1.83 -20.13 25.92
CA PRO A 52 -1.26 -21.15 25.02
C PRO A 52 -1.26 -22.53 25.64
N THR A 53 -1.03 -23.53 24.78
CA THR A 53 -0.94 -24.97 25.07
C THR A 53 -2.24 -25.57 25.61
N LYS A 54 -3.31 -24.79 25.73
CA LYS A 54 -4.60 -25.29 26.16
C LYS A 54 -5.66 -25.07 25.09
N LEU A 55 -5.22 -24.79 23.85
CA LEU A 55 -6.15 -24.45 22.78
C LEU A 55 -6.93 -25.66 22.31
N ASN A 56 -6.36 -26.86 22.46
CA ASN A 56 -6.97 -28.05 21.87
C ASN A 56 -8.14 -28.58 22.67
N ASP A 57 -8.51 -27.93 23.78
CA ASP A 57 -9.69 -28.29 24.54
C ASP A 57 -10.68 -27.13 24.63
N LEU A 58 -10.95 -26.47 23.51
CA LEU A 58 -11.85 -25.32 23.46
C LEU A 58 -12.70 -25.40 22.20
N CYS A 59 -13.97 -24.98 22.33
CA CYS A 59 -14.85 -24.92 21.18
C CYS A 59 -15.11 -23.46 20.78
N PHE A 60 -15.04 -23.19 19.49
CA PHE A 60 -15.18 -21.84 18.95
C PHE A 60 -16.18 -21.84 17.80
N THR A 61 -16.58 -20.64 17.38
CA THR A 61 -17.44 -20.50 16.22
C THR A 61 -16.64 -20.52 14.92
N ASN A 62 -15.75 -19.54 14.74
CA ASN A 62 -14.94 -19.45 13.54
C ASN A 62 -13.59 -18.84 13.85
N VAL A 63 -12.65 -19.00 12.92
CA VAL A 63 -11.27 -18.54 13.08
C VAL A 63 -10.94 -17.67 11.87
N TYR A 64 -10.51 -16.44 12.13
CA TYR A 64 -10.09 -15.51 11.08
C TYR A 64 -8.58 -15.31 11.18
N ALA A 65 -7.89 -15.45 10.05
CA ALA A 65 -6.42 -15.48 10.02
C ALA A 65 -5.90 -14.39 9.10
N ASP A 66 -5.47 -13.27 9.68
CA ASP A 66 -4.82 -12.20 8.93
C ASP A 66 -3.39 -12.58 8.59
N SER A 67 -2.77 -11.79 7.71
CA SER A 67 -1.45 -12.14 7.19
C SER A 67 -0.77 -10.94 6.56
N PHE A 68 0.44 -10.62 7.01
CA PHE A 68 1.25 -9.56 6.41
C PHE A 68 2.72 -9.81 6.73
N VAL A 69 3.58 -8.88 6.30
CA VAL A 69 5.02 -8.94 6.58
C VAL A 69 5.46 -7.57 7.09
N ILE A 70 6.26 -7.56 8.15
CA ILE A 70 6.83 -6.33 8.69
C ILE A 70 8.29 -6.59 9.03
N ARG A 71 9.02 -5.51 9.28
CA ARG A 71 10.39 -5.67 9.74
C ARG A 71 10.40 -5.99 11.23
N GLY A 72 11.58 -6.39 11.72
CA GLY A 72 11.69 -6.94 13.06
C GLY A 72 11.54 -5.93 14.18
N ASP A 73 11.63 -4.63 13.89
CA ASP A 73 11.47 -3.61 14.90
C ASP A 73 10.02 -3.24 15.15
N GLU A 74 9.08 -3.89 14.45
CA GLU A 74 7.68 -3.52 14.56
C GLU A 74 6.81 -4.67 15.08
N VAL A 75 7.40 -5.81 15.42
CA VAL A 75 6.62 -6.93 15.91
C VAL A 75 6.11 -6.66 17.33
N ARG A 76 6.78 -5.78 18.07
CA ARG A 76 6.25 -5.36 19.37
C ARG A 76 5.06 -4.41 19.24
N GLN A 77 4.77 -3.92 18.03
CA GLN A 77 3.63 -3.04 17.81
C GLN A 77 2.36 -3.79 17.46
N ILE A 78 2.46 -5.03 17.00
CA ILE A 78 1.27 -5.83 16.67
C ILE A 78 0.78 -6.43 17.97
N ALA A 79 -0.02 -5.66 18.71
CA ALA A 79 -0.42 -5.97 20.06
C ALA A 79 -1.49 -4.97 20.47
N PRO A 80 -2.40 -5.35 21.37
CA PRO A 80 -3.43 -4.40 21.82
C PRO A 80 -2.81 -3.27 22.65
N GLY A 81 -3.04 -2.04 22.19
CA GLY A 81 -2.60 -0.88 22.94
C GLY A 81 -1.21 -0.38 22.64
N GLN A 82 -0.69 -0.64 21.44
CA GLN A 82 0.65 -0.18 21.09
C GLN A 82 0.57 0.97 20.10
N THR A 83 1.71 1.66 19.92
CA THR A 83 1.82 2.77 18.98
C THR A 83 2.96 2.48 18.02
N GLY A 84 3.32 3.48 17.24
CA GLY A 84 4.38 3.39 16.27
C GLY A 84 3.89 3.86 14.92
N ASN A 85 4.65 3.54 13.87
CA ASN A 85 4.21 3.82 12.51
C ASN A 85 3.59 2.61 11.84
N ILE A 86 3.11 1.65 12.61
CA ILE A 86 2.40 0.49 12.08
C ILE A 86 1.03 0.43 12.73
N ALA A 87 1.00 0.46 14.05
CA ALA A 87 -0.24 0.33 14.80
C ALA A 87 -1.08 1.60 14.82
N ASP A 88 -0.66 2.66 14.13
CA ASP A 88 -1.50 3.82 13.92
C ASP A 88 -1.78 4.12 12.47
N TYR A 89 -1.00 3.57 11.54
CA TYR A 89 -1.20 3.86 10.13
C TYR A 89 -1.44 2.63 9.27
N ASN A 90 -1.20 1.42 9.77
CA ASN A 90 -1.34 0.25 8.90
C ASN A 90 -2.33 -0.78 9.42
N TYR A 91 -2.22 -1.21 10.68
CA TYR A 91 -3.05 -2.29 11.19
C TYR A 91 -3.07 -2.20 12.71
N LYS A 92 -4.22 -1.85 13.27
CA LYS A 92 -4.34 -1.65 14.71
C LYS A 92 -5.32 -2.67 15.28
N LEU A 93 -4.88 -3.40 16.28
CA LEU A 93 -5.73 -4.38 16.92
C LEU A 93 -6.62 -3.69 17.95
N PRO A 94 -7.79 -4.24 18.25
CA PRO A 94 -8.62 -3.66 19.31
C PRO A 94 -8.04 -3.97 20.69
N ASP A 95 -8.55 -3.24 21.68
CA ASP A 95 -8.02 -3.39 23.04
C ASP A 95 -8.50 -4.69 23.69
N ASP A 96 -9.73 -5.12 23.39
CA ASP A 96 -10.28 -6.35 23.95
C ASP A 96 -10.17 -7.51 22.96
N PHE A 97 -9.07 -7.53 22.21
CA PHE A 97 -8.83 -8.56 21.20
C PHE A 97 -8.54 -9.90 21.87
N THR A 98 -9.01 -10.99 21.27
CA THR A 98 -8.66 -12.35 21.67
C THR A 98 -8.06 -13.08 20.49
N GLY A 99 -6.89 -13.65 20.69
CA GLY A 99 -6.24 -14.44 19.66
C GLY A 99 -4.73 -14.40 19.79
N CYS A 100 -4.10 -15.47 19.32
CA CYS A 100 -2.65 -15.57 19.38
C CYS A 100 -2.03 -14.85 18.19
N VAL A 101 -0.83 -14.30 18.41
CA VAL A 101 -0.14 -13.54 17.37
C VAL A 101 1.16 -14.24 17.03
N ILE A 102 1.14 -15.11 16.03
CA ILE A 102 2.34 -15.83 15.64
C ILE A 102 3.21 -14.93 14.78
N ALA A 103 4.53 -15.04 14.97
CA ALA A 103 5.47 -14.18 14.25
C ALA A 103 6.83 -14.86 14.22
N TRP A 104 7.27 -15.27 13.04
CA TRP A 104 8.56 -15.93 12.91
C TRP A 104 9.44 -15.14 11.97
N ASN A 105 10.61 -15.70 11.66
CA ASN A 105 11.62 -15.04 10.83
C ASN A 105 11.53 -15.57 9.40
N SER A 106 11.65 -14.66 8.45
CA SER A 106 11.48 -15.02 7.04
C SER A 106 12.58 -14.39 6.20
N ASN A 107 13.79 -14.30 6.76
CA ASN A 107 14.88 -13.65 6.04
C ASN A 107 15.39 -14.48 4.89
N LYS A 108 15.14 -15.79 4.90
CA LYS A 108 15.42 -16.59 3.72
C LYS A 108 14.30 -16.47 2.69
N LEU A 109 13.06 -16.28 3.15
CA LEU A 109 11.93 -16.32 2.24
C LEU A 109 11.68 -14.97 1.57
N ASP A 110 11.25 -13.98 2.34
CA ASP A 110 10.79 -12.72 1.79
C ASP A 110 11.88 -11.66 1.75
N SER A 111 13.02 -11.99 1.16
CA SER A 111 14.13 -11.04 1.14
C SER A 111 15.03 -11.36 -0.03
N LYS A 112 15.55 -10.31 -0.66
CA LYS A 112 16.44 -10.48 -1.79
C LYS A 112 17.44 -9.33 -1.79
N VAL A 113 18.44 -9.43 -2.66
CA VAL A 113 19.47 -8.41 -2.74
C VAL A 113 18.89 -7.17 -3.39
N SER A 114 19.33 -5.99 -2.92
CA SER A 114 18.98 -4.64 -3.34
C SER A 114 17.55 -4.24 -3.00
N GLY A 115 16.88 -4.95 -2.10
CA GLY A 115 15.73 -4.34 -1.46
C GLY A 115 14.42 -5.09 -1.37
N ASN A 116 14.01 -5.80 -2.43
CA ASN A 116 12.66 -6.36 -2.55
C ASN A 116 11.62 -5.27 -2.29
N TYR A 117 11.59 -4.32 -3.21
CA TYR A 117 10.95 -3.02 -3.11
C TYR A 117 9.45 -3.07 -3.02
N ASN A 118 8.71 -4.17 -2.91
CA ASN A 118 7.26 -4.11 -3.03
C ASN A 118 6.54 -4.64 -1.79
N TYR A 119 7.08 -4.37 -0.61
CA TYR A 119 6.33 -4.58 0.63
C TYR A 119 6.13 -3.20 1.25
N LEU A 120 5.03 -2.56 0.90
CA LEU A 120 4.82 -1.18 1.24
C LEU A 120 4.31 -1.04 2.68
N TYR A 121 4.33 0.19 3.17
CA TYR A 121 3.82 0.48 4.51
C TYR A 121 3.45 1.96 4.58
N ARG A 122 2.42 2.24 5.37
CA ARG A 122 1.85 3.59 5.36
C ARG A 122 2.65 4.53 6.24
N LEU A 123 3.16 5.61 5.64
CA LEU A 123 3.87 6.65 6.37
C LEU A 123 2.95 7.74 6.89
N PHE A 124 2.01 8.20 6.07
CA PHE A 124 1.22 9.38 6.38
C PHE A 124 -0.26 9.06 6.34
N ARG A 125 -0.99 9.57 7.34
CA ARG A 125 -2.44 9.56 7.31
C ARG A 125 -2.93 10.74 8.13
N LYS A 126 -4.16 11.17 7.84
CA LYS A 126 -4.69 12.35 8.51
C LYS A 126 -5.01 12.06 9.98
N SER A 127 -5.41 10.83 10.29
CA SER A 127 -5.72 10.46 11.66
C SER A 127 -5.26 9.03 11.90
N ASN A 128 -5.21 8.66 13.17
CA ASN A 128 -4.88 7.30 13.54
C ASN A 128 -6.00 6.36 13.14
N LEU A 129 -5.65 5.09 12.89
CA LEU A 129 -6.64 4.13 12.45
C LEU A 129 -7.55 3.71 13.58
N LYS A 130 -8.84 3.62 13.25
CA LYS A 130 -9.76 2.87 14.07
C LYS A 130 -9.41 1.39 13.96
N PRO A 131 -9.75 0.59 14.97
CA PRO A 131 -9.30 -0.82 14.99
C PRO A 131 -9.87 -1.65 13.84
N PHE A 132 -9.03 -2.58 13.36
CA PHE A 132 -9.34 -3.53 12.28
C PHE A 132 -9.71 -2.83 10.98
N GLU A 133 -9.17 -1.64 10.74
CA GLU A 133 -9.49 -0.88 9.54
C GLU A 133 -8.32 -0.98 8.57
N ARG A 134 -8.55 -1.63 7.44
CA ARG A 134 -7.54 -1.57 6.40
C ARG A 134 -7.67 -0.25 5.66
N ASP A 135 -6.61 0.10 4.92
CA ASP A 135 -6.57 1.37 4.21
C ASP A 135 -5.76 1.15 2.95
N ILE A 136 -6.38 1.35 1.80
CA ILE A 136 -5.74 1.08 0.52
C ILE A 136 -5.61 2.35 -0.32
N SER A 137 -6.24 3.45 0.11
CA SER A 137 -6.28 4.67 -0.68
C SER A 137 -4.93 5.37 -0.69
N THR A 138 -4.54 5.85 -1.87
CA THR A 138 -3.21 6.43 -2.09
C THR A 138 -3.27 7.89 -2.49
N GLU A 139 -4.17 8.68 -1.89
CA GLU A 139 -4.18 10.11 -2.17
C GLU A 139 -3.11 10.82 -1.34
N ILE A 140 -2.59 11.92 -1.89
CA ILE A 140 -1.43 12.58 -1.30
C ILE A 140 -1.82 13.30 -0.02
N TYR A 141 -0.92 13.27 0.96
CA TYR A 141 -1.19 13.72 2.31
C TYR A 141 -0.80 15.18 2.49
N GLN A 142 -1.76 16.01 2.85
CA GLN A 142 -1.51 17.45 3.03
C GLN A 142 -0.89 17.66 4.41
N ALA A 143 0.41 17.95 4.43
CA ALA A 143 1.16 18.09 5.68
C ALA A 143 1.02 19.49 6.27
N GLY A 144 1.28 20.51 5.46
CA GLY A 144 1.23 21.88 5.95
C GLY A 144 -0.17 22.46 5.89
N ASN A 145 -0.34 23.55 5.15
CA ASN A 145 -1.66 24.13 4.95
C ASN A 145 -1.97 24.43 3.50
N LYS A 146 -1.03 24.15 2.62
CA LYS A 146 -1.22 24.43 1.22
C LYS A 146 -1.91 23.29 0.46
N PRO A 147 -3.15 23.48 -0.03
CA PRO A 147 -3.72 22.38 -0.83
C PRO A 147 -3.09 22.37 -2.22
N CYS A 148 -2.48 21.24 -2.57
CA CYS A 148 -1.74 21.18 -3.82
C CYS A 148 -2.54 20.51 -4.94
N ASN A 149 -3.57 19.75 -4.58
CA ASN A 149 -4.59 19.21 -5.50
C ASN A 149 -3.99 18.31 -6.59
N GLY A 150 -3.43 17.17 -6.21
CA GLY A 150 -3.09 16.16 -7.18
C GLY A 150 -1.65 16.12 -7.62
N VAL A 151 -0.83 17.10 -7.24
CA VAL A 151 0.60 17.06 -7.52
C VAL A 151 1.35 17.20 -6.20
N ALA A 152 2.31 16.30 -5.99
CA ALA A 152 3.03 16.24 -4.74
C ALA A 152 4.31 17.07 -4.81
N GLY A 153 4.85 17.37 -3.65
CA GLY A 153 6.05 18.18 -3.54
C GLY A 153 6.28 18.56 -2.08
N PHE A 154 6.53 19.84 -1.86
CA PHE A 154 6.71 20.32 -0.50
C PHE A 154 5.36 20.45 0.18
N ASN A 155 5.31 20.03 1.45
CA ASN A 155 4.14 20.02 2.33
C ASN A 155 3.00 19.11 1.87
N CYS A 156 3.16 18.37 0.77
CA CYS A 156 2.21 17.30 0.44
C CYS A 156 2.98 16.16 -0.23
N TYR A 157 3.09 15.05 0.49
CA TYR A 157 3.87 13.88 0.13
C TYR A 157 2.96 12.74 -0.26
N PHE A 158 3.57 11.63 -0.73
CA PHE A 158 2.89 10.36 -0.97
C PHE A 158 3.13 9.41 0.17
N PRO A 159 2.11 8.74 0.71
CA PRO A 159 2.25 8.07 2.01
C PRO A 159 2.76 6.64 2.00
N LEU A 160 3.31 6.13 0.90
CA LEU A 160 3.82 4.76 0.87
C LEU A 160 5.28 4.74 0.46
N ARG A 161 6.12 4.10 1.26
CA ARG A 161 7.50 3.83 0.95
C ARG A 161 7.71 2.33 0.97
N SER A 162 8.75 1.86 0.29
CA SER A 162 9.09 0.45 0.37
C SER A 162 9.77 0.12 1.69
N TYR A 163 9.97 -1.17 1.92
CA TYR A 163 10.72 -1.63 3.09
C TYR A 163 12.20 -1.76 2.84
N SER A 164 12.60 -2.02 1.60
CA SER A 164 13.99 -2.18 1.16
C SER A 164 14.73 -3.22 2.03
N PHE A 165 14.26 -4.46 1.95
CA PHE A 165 14.80 -5.57 2.74
C PHE A 165 16.04 -6.12 2.04
N ARG A 166 17.17 -6.01 2.69
CA ARG A 166 18.36 -6.69 2.23
C ARG A 166 18.71 -7.82 3.18
N PRO A 167 19.29 -8.92 2.69
CA PRO A 167 19.66 -10.01 3.60
C PRO A 167 20.87 -9.73 4.47
N THR A 168 21.55 -8.60 4.27
CA THR A 168 22.75 -8.25 5.02
C THR A 168 22.46 -7.17 6.06
N TYR A 169 21.21 -7.07 6.50
CA TYR A 169 20.87 -6.18 7.59
C TYR A 169 21.07 -6.91 8.91
N GLY A 170 20.64 -6.28 10.00
CA GLY A 170 20.72 -6.89 11.30
C GLY A 170 19.56 -7.83 11.57
N VAL A 171 19.43 -8.22 12.84
CA VAL A 171 18.30 -9.05 13.24
C VAL A 171 17.04 -8.19 13.33
N GLY A 172 17.20 -6.88 13.45
CA GLY A 172 16.03 -6.02 13.62
C GLY A 172 15.42 -5.53 12.33
N HIS A 173 16.16 -5.55 11.23
CA HIS A 173 15.64 -5.06 9.96
C HIS A 173 15.33 -6.17 8.96
N GLN A 174 15.34 -7.39 9.38
CA GLN A 174 14.95 -8.44 8.44
C GLN A 174 13.46 -8.74 8.54
N PRO A 175 12.83 -9.18 7.45
CA PRO A 175 11.37 -9.34 7.45
C PRO A 175 10.87 -10.44 8.36
N TYR A 176 10.17 -10.04 9.42
CA TYR A 176 9.49 -10.99 10.30
C TYR A 176 8.06 -11.16 9.80
N ARG A 177 7.80 -12.28 9.14
CA ARG A 177 6.48 -12.55 8.58
C ARG A 177 5.50 -12.93 9.69
N VAL A 178 4.35 -12.25 9.73
CA VAL A 178 3.40 -12.34 10.83
C VAL A 178 2.13 -13.03 10.33
N VAL A 179 1.54 -13.84 11.20
CA VAL A 179 0.16 -14.29 11.07
C VAL A 179 -0.53 -14.06 12.40
N VAL A 180 -1.54 -13.23 12.42
CA VAL A 180 -2.30 -12.98 13.64
C VAL A 180 -3.69 -13.58 13.42
N LEU A 181 -3.88 -14.75 14.04
CA LEU A 181 -5.17 -15.41 14.00
C LEU A 181 -6.08 -14.74 14.97
N SER A 182 -7.38 -14.86 14.76
CA SER A 182 -8.34 -14.31 15.69
C SER A 182 -9.45 -15.31 15.90
N PHE A 183 -10.05 -15.34 17.08
CA PHE A 183 -11.05 -16.36 17.37
C PHE A 183 -12.33 -15.69 17.74
N GLU A 184 -13.46 -16.30 17.42
CA GLU A 184 -14.70 -15.71 17.86
C GLU A 184 -15.63 -16.71 18.46
N LEU A 185 -16.39 -16.29 19.47
CA LEU A 185 -17.39 -17.17 20.04
C LEU A 185 -18.71 -16.44 20.03
N LEU A 186 -19.75 -17.08 19.53
CA LEU A 186 -21.06 -16.48 19.51
C LEU A 186 -22.04 -17.58 19.83
N HIS A 187 -23.30 -17.25 20.05
CA HIS A 187 -24.22 -18.27 20.46
C HIS A 187 -24.66 -18.99 19.22
N ALA A 188 -23.88 -20.00 18.85
CA ALA A 188 -24.14 -20.73 17.62
C ALA A 188 -23.49 -22.09 17.66
N PRO A 189 -23.86 -22.98 16.73
CA PRO A 189 -23.17 -24.26 16.68
C PRO A 189 -21.72 -24.00 16.39
N ALA A 190 -20.81 -24.77 16.98
CA ALA A 190 -19.39 -24.51 16.84
C ALA A 190 -18.68 -25.35 15.82
N THR A 191 -18.01 -24.72 14.86
CA THR A 191 -17.31 -25.46 13.83
C THR A 191 -15.78 -25.56 13.93
N VAL A 192 -15.18 -24.96 14.94
CA VAL A 192 -13.75 -25.10 15.11
C VAL A 192 -13.42 -25.47 16.56
N CYS A 193 -12.98 -26.70 16.76
CA CYS A 193 -12.68 -27.16 18.11
C CYS A 193 -11.54 -28.18 18.02
N GLY A 194 -10.75 -28.26 19.09
CA GLY A 194 -9.65 -29.18 19.14
C GLY A 194 -10.10 -30.62 19.31
N PRO A 195 -9.16 -31.55 19.10
CA PRO A 195 -9.50 -32.97 19.17
C PRO A 195 -9.43 -33.54 20.59
N VAL B 2 -6.78 0.22 -15.60
CA VAL B 2 -5.82 -0.85 -15.76
C VAL B 2 -5.34 -0.90 -17.20
N GLN B 3 -5.82 0.02 -18.02
CA GLN B 3 -5.33 0.10 -19.38
C GLN B 3 -3.92 0.70 -19.38
N LEU B 4 -3.19 0.42 -20.45
CA LEU B 4 -1.82 0.88 -20.57
C LEU B 4 -1.49 1.01 -22.04
N VAL B 5 -0.92 2.15 -22.43
CA VAL B 5 -0.65 2.43 -23.84
C VAL B 5 0.63 3.25 -23.95
N GLU B 6 1.48 2.88 -24.91
CA GLU B 6 2.71 3.61 -25.18
C GLU B 6 2.62 4.28 -26.54
N SER B 7 3.61 5.11 -26.84
CA SER B 7 3.71 5.79 -28.13
C SER B 7 5.18 6.08 -28.40
N GLY B 8 5.43 6.95 -29.38
CA GLY B 8 6.76 7.46 -29.60
C GLY B 8 7.73 6.51 -30.28
N GLY B 9 7.23 5.46 -30.91
CA GLY B 9 8.11 4.55 -31.62
C GLY B 9 8.05 4.75 -33.11
N GLY B 10 9.03 4.24 -33.84
CA GLY B 10 9.04 4.36 -35.27
C GLY B 10 10.33 3.88 -35.90
N VAL B 11 10.83 4.61 -36.89
CA VAL B 11 12.10 4.31 -37.54
C VAL B 11 13.08 5.43 -37.23
N VAL B 12 14.35 5.06 -37.03
CA VAL B 12 15.37 6.01 -36.63
C VAL B 12 16.71 5.54 -37.19
N GLN B 13 17.60 6.50 -37.47
CA GLN B 13 18.96 6.20 -37.86
C GLN B 13 19.73 5.63 -36.67
N PRO B 14 20.78 4.85 -36.93
CA PRO B 14 21.60 4.32 -35.81
C PRO B 14 22.39 5.42 -35.12
N GLY B 15 22.02 5.70 -33.88
CA GLY B 15 22.78 6.65 -33.07
C GLY B 15 22.05 7.93 -32.73
N ARG B 16 20.74 7.87 -32.55
CA ARG B 16 19.96 9.03 -32.18
C ARG B 16 19.19 8.74 -30.89
N SER B 17 18.47 9.76 -30.42
CA SER B 17 17.69 9.65 -29.20
C SER B 17 16.21 9.45 -29.52
N LEU B 18 15.48 8.90 -28.55
CA LEU B 18 14.06 8.62 -28.73
C LEU B 18 13.35 8.69 -27.39
N ARG B 19 12.39 9.60 -27.27
CA ARG B 19 11.44 9.51 -26.15
C ARG B 19 10.46 8.40 -26.42
N LEU B 20 10.22 7.58 -25.40
CA LEU B 20 9.17 6.58 -25.45
C LEU B 20 8.23 6.80 -24.28
N SER B 21 7.00 7.18 -24.57
CA SER B 21 6.00 7.40 -23.55
C SER B 21 5.42 6.07 -23.11
N CYS B 22 4.70 6.10 -21.98
CA CYS B 22 3.84 4.99 -21.57
C CYS B 22 2.71 5.65 -20.79
N ALA B 23 1.62 5.96 -21.48
CA ALA B 23 0.51 6.66 -20.86
C ALA B 23 -0.28 5.69 -19.99
N ALA B 24 -0.17 5.83 -18.69
CA ALA B 24 -0.87 4.96 -17.75
C ALA B 24 -2.19 5.58 -17.34
N SER B 25 -3.17 4.71 -17.09
CA SER B 25 -4.49 5.14 -16.69
C SER B 25 -5.20 3.99 -15.99
N GLY B 26 -6.06 4.34 -15.04
CA GLY B 26 -6.90 3.38 -14.37
C GLY B 26 -6.41 2.90 -13.02
N PHE B 27 -5.09 2.85 -12.82
CA PHE B 27 -4.54 2.48 -11.53
C PHE B 27 -3.77 3.66 -10.95
N THR B 28 -3.56 3.63 -9.64
CA THR B 28 -2.73 4.64 -9.00
C THR B 28 -1.28 4.43 -9.41
N PHE B 29 -0.72 5.40 -10.13
CA PHE B 29 0.52 5.17 -10.84
C PHE B 29 1.73 5.21 -9.93
N ARG B 30 1.62 5.88 -8.79
CA ARG B 30 2.80 6.15 -7.98
C ARG B 30 3.26 4.90 -7.23
N THR B 31 2.34 4.17 -6.62
CA THR B 31 2.74 3.05 -5.78
C THR B 31 2.97 1.75 -6.55
N TYR B 32 3.73 1.82 -7.64
CA TYR B 32 4.18 0.66 -8.37
C TYR B 32 5.60 0.95 -8.83
N ALA B 33 6.14 0.11 -9.70
CA ALA B 33 7.52 0.27 -10.15
C ALA B 33 7.64 -0.27 -11.56
N MET B 34 7.60 0.63 -12.54
CA MET B 34 7.51 0.21 -13.93
C MET B 34 8.81 -0.41 -14.43
N HIS B 35 8.71 -1.17 -15.50
CA HIS B 35 9.86 -1.83 -16.11
C HIS B 35 9.86 -1.57 -17.60
N TRP B 36 10.75 -2.22 -18.34
CA TRP B 36 10.74 -2.16 -19.79
C TRP B 36 11.19 -3.53 -20.31
N VAL B 37 10.26 -4.29 -20.89
CA VAL B 37 10.53 -5.64 -21.34
C VAL B 37 10.69 -5.62 -22.85
N ARG B 38 11.73 -6.27 -23.34
CA ARG B 38 12.12 -6.22 -24.73
C ARG B 38 11.81 -7.53 -25.43
N GLN B 39 11.21 -7.45 -26.62
CA GLN B 39 10.96 -8.63 -27.44
C GLN B 39 11.54 -8.38 -28.82
N ALA B 40 12.72 -8.94 -29.08
CA ALA B 40 13.28 -8.93 -30.41
C ALA B 40 12.41 -9.74 -31.35
N PRO B 41 12.41 -9.44 -32.66
CA PRO B 41 11.61 -10.22 -33.60
C PRO B 41 12.07 -11.66 -33.74
N GLY B 42 11.22 -12.59 -33.30
CA GLY B 42 11.54 -14.01 -33.37
C GLY B 42 11.99 -14.58 -32.05
N LYS B 43 12.76 -13.80 -31.29
CA LYS B 43 13.37 -14.28 -30.06
C LYS B 43 12.41 -14.10 -28.89
N GLY B 44 12.85 -14.58 -27.72
CA GLY B 44 12.05 -14.52 -26.52
C GLY B 44 12.17 -13.19 -25.84
N LEU B 45 11.45 -13.06 -24.72
CA LEU B 45 11.49 -11.82 -23.95
C LEU B 45 12.85 -11.67 -23.29
N GLU B 46 13.26 -10.41 -23.13
CA GLU B 46 14.47 -10.11 -22.40
C GLU B 46 14.30 -8.75 -21.74
N TRP B 47 15.09 -8.51 -20.71
CA TRP B 47 14.86 -7.41 -19.80
C TRP B 47 15.75 -6.22 -20.14
N VAL B 48 15.24 -5.01 -19.90
CA VAL B 48 15.98 -3.80 -20.26
C VAL B 48 16.21 -2.90 -19.06
N ALA B 49 15.15 -2.40 -18.42
CA ALA B 49 15.34 -1.35 -17.44
C ALA B 49 14.39 -1.55 -16.28
N VAL B 50 14.46 -0.63 -15.32
CA VAL B 50 13.66 -0.67 -14.10
C VAL B 50 13.57 0.75 -13.57
N MET B 51 12.60 0.98 -12.68
CA MET B 51 12.57 2.17 -11.86
C MET B 51 12.33 1.73 -10.42
N TRP B 52 12.02 2.67 -9.56
CA TRP B 52 11.69 2.34 -8.18
C TRP B 52 10.32 2.93 -7.90
N ASN B 53 9.89 2.92 -6.64
CA ASN B 53 8.61 3.52 -6.30
C ASN B 53 8.65 5.04 -6.48
N ASP B 54 9.61 5.69 -5.83
CA ASP B 54 9.72 7.13 -5.83
C ASP B 54 10.74 7.67 -6.83
N GLY B 55 11.41 6.80 -7.56
CA GLY B 55 12.39 7.24 -8.54
C GLY B 55 13.78 7.21 -8.00
N SER B 56 14.04 6.27 -7.08
CA SER B 56 15.31 6.25 -6.35
C SER B 56 16.44 5.71 -7.20
N ASN B 57 16.34 4.45 -7.62
CA ASN B 57 17.44 3.81 -8.34
C ASN B 57 16.96 3.35 -9.71
N LYS B 58 17.83 3.39 -10.70
CA LYS B 58 17.45 3.06 -12.07
C LYS B 58 18.37 2.05 -12.70
N TYR B 59 18.32 0.80 -12.29
CA TYR B 59 19.21 -0.23 -12.78
C TYR B 59 18.89 -0.54 -14.24
N TYR B 60 19.82 -1.23 -14.89
CA TYR B 60 19.65 -1.63 -16.28
C TYR B 60 20.22 -3.02 -16.47
N ALA B 61 19.81 -3.67 -17.55
CA ALA B 61 20.50 -4.87 -17.97
C ALA B 61 21.88 -4.52 -18.49
N ASP B 62 22.78 -5.49 -18.43
CA ASP B 62 24.18 -5.27 -18.78
C ASP B 62 24.40 -5.01 -20.26
N SER B 63 23.45 -5.36 -21.12
CA SER B 63 23.65 -5.15 -22.55
C SER B 63 23.33 -3.72 -22.96
N VAL B 64 22.47 -3.04 -22.21
CA VAL B 64 22.01 -1.71 -22.58
C VAL B 64 22.27 -0.67 -21.49
N LYS B 65 23.15 -0.96 -20.53
CA LYS B 65 23.39 0.01 -19.47
C LYS B 65 24.29 1.13 -19.97
N GLY B 66 24.17 2.28 -19.32
CA GLY B 66 24.91 3.46 -19.73
C GLY B 66 24.23 4.25 -20.83
N ARG B 67 23.92 3.58 -21.94
CA ARG B 67 23.29 4.26 -23.06
C ARG B 67 21.82 4.58 -22.83
N PHE B 68 21.18 3.90 -21.88
CA PHE B 68 19.77 4.10 -21.57
C PHE B 68 19.64 4.99 -20.33
N THR B 69 18.72 5.94 -20.40
CA THR B 69 18.33 6.71 -19.22
C THR B 69 16.82 6.71 -19.13
N ILE B 70 16.31 6.45 -17.92
CA ILE B 70 14.89 6.19 -17.75
C ILE B 70 14.33 7.19 -16.75
N SER B 71 13.23 7.84 -17.12
CA SER B 71 12.69 8.94 -16.33
C SER B 71 11.33 8.54 -15.77
N ARG B 72 10.68 9.49 -15.12
CA ARG B 72 9.46 9.21 -14.39
C ARG B 72 8.73 10.53 -14.19
N ASP B 73 7.41 10.51 -14.37
CA ASP B 73 6.59 11.72 -14.23
C ASP B 73 5.32 11.32 -13.48
N ASN B 74 5.37 11.41 -12.16
CA ASN B 74 4.24 10.97 -11.34
C ASN B 74 3.08 11.95 -11.36
N SER B 75 3.24 13.14 -11.92
CA SER B 75 2.15 14.10 -11.96
C SER B 75 1.24 13.86 -13.15
N LYS B 76 1.81 13.48 -14.29
CA LYS B 76 1.04 13.15 -15.48
C LYS B 76 0.75 11.66 -15.60
N ASN B 77 1.28 10.85 -14.67
CA ASN B 77 1.14 9.39 -14.64
C ASN B 77 1.62 8.74 -15.93
N THR B 78 2.78 9.17 -16.41
CA THR B 78 3.42 8.61 -17.60
C THR B 78 4.78 8.04 -17.24
N LEU B 79 5.45 7.49 -18.24
CA LEU B 79 6.79 6.94 -18.07
C LEU B 79 7.59 7.24 -19.33
N TYR B 80 8.84 7.66 -19.17
CA TYR B 80 9.69 8.01 -20.29
C TYR B 80 10.95 7.16 -20.23
N LEU B 81 11.32 6.58 -21.37
CA LEU B 81 12.58 5.87 -21.52
C LEU B 81 13.37 6.59 -22.59
N GLU B 82 14.53 7.12 -22.23
CA GLU B 82 15.35 7.88 -23.16
C GLU B 82 16.65 7.16 -23.42
N MET B 83 16.76 6.54 -24.59
CA MET B 83 17.97 5.86 -24.99
C MET B 83 18.82 6.80 -25.83
N ASN B 84 20.13 6.62 -25.78
CA ASN B 84 21.07 7.44 -26.53
C ASN B 84 22.05 6.52 -27.26
N SER B 85 22.28 6.82 -28.54
CA SER B 85 23.17 6.07 -29.42
C SER B 85 22.77 4.60 -29.50
N LEU B 86 21.52 4.37 -29.91
CA LEU B 86 21.00 3.02 -29.98
C LEU B 86 21.58 2.29 -31.19
N ARG B 87 21.88 1.01 -31.00
CA ARG B 87 22.62 0.22 -31.97
C ARG B 87 21.62 -0.53 -32.87
N ALA B 88 22.12 -1.02 -34.00
CA ALA B 88 21.27 -1.69 -34.98
C ALA B 88 20.75 -3.03 -34.48
N GLU B 89 21.42 -3.65 -33.52
CA GLU B 89 20.94 -4.90 -32.95
C GLU B 89 19.86 -4.69 -31.90
N ASP B 90 19.62 -3.45 -31.48
CA ASP B 90 18.60 -3.15 -30.49
C ASP B 90 17.31 -2.74 -31.19
N THR B 91 16.84 -3.59 -32.09
CA THR B 91 15.57 -3.39 -32.78
C THR B 91 14.59 -4.44 -32.28
N ALA B 92 13.46 -3.98 -31.75
CA ALA B 92 12.57 -4.88 -31.04
C ALA B 92 11.19 -4.25 -30.90
N VAL B 93 10.36 -4.86 -30.08
CA VAL B 93 9.14 -4.26 -29.55
C VAL B 93 9.41 -3.99 -28.08
N TYR B 94 9.03 -2.80 -27.61
CA TYR B 94 9.28 -2.40 -26.24
C TYR B 94 7.96 -2.29 -25.50
N TYR B 95 7.85 -2.96 -24.38
CA TYR B 95 6.61 -3.04 -23.63
C TYR B 95 6.70 -2.18 -22.37
N CYS B 96 5.58 -2.08 -21.66
CA CYS B 96 5.52 -1.39 -20.38
C CYS B 96 5.13 -2.44 -19.36
N ALA B 97 5.27 -2.14 -18.07
CA ALA B 97 5.03 -3.18 -17.08
C ALA B 97 4.56 -2.56 -15.77
N ARG B 98 4.46 -3.40 -14.76
CA ARG B 98 4.05 -2.93 -13.46
C ARG B 98 4.03 -4.06 -12.44
N GLU B 99 4.36 -3.86 -11.16
CA GLU B 99 4.24 -4.92 -10.14
C GLU B 99 4.20 -4.51 -8.67
N GLY B 100 3.15 -4.83 -7.93
CA GLY B 100 3.06 -4.36 -6.55
C GLY B 100 2.48 -5.44 -5.71
N VAL B 101 2.79 -5.52 -4.43
CA VAL B 101 2.33 -6.70 -3.65
C VAL B 101 1.18 -6.62 -2.76
N ALA B 102 0.47 -5.54 -2.71
CA ALA B 102 -0.74 -5.61 -1.90
C ALA B 102 -1.49 -6.61 -2.70
N ALA B 103 -1.89 -7.69 -2.08
CA ALA B 103 -2.49 -8.75 -2.87
C ALA B 103 -3.77 -8.32 -3.52
N ALA B 104 -4.39 -7.31 -2.95
CA ALA B 104 -5.57 -6.81 -3.58
C ALA B 104 -5.24 -6.57 -5.03
N GLY B 105 -4.23 -5.76 -5.27
CA GLY B 105 -3.94 -5.39 -6.64
C GLY B 105 -3.40 -6.20 -7.78
N SER B 106 -2.31 -6.91 -7.60
CA SER B 106 -1.73 -7.59 -8.75
C SER B 106 -0.76 -8.61 -8.40
N SER B 107 -0.43 -9.47 -9.28
CA SER B 107 0.51 -10.41 -8.80
C SER B 107 1.86 -9.82 -8.39
N SER B 108 2.32 -10.20 -7.21
CA SER B 108 3.58 -9.70 -6.72
C SER B 108 4.73 -10.13 -7.51
N ASP B 109 5.69 -9.25 -7.65
CA ASP B 109 6.88 -9.60 -8.33
C ASP B 109 6.55 -10.14 -9.64
N ALA B 110 5.49 -9.64 -10.25
CA ALA B 110 5.16 -10.07 -11.58
C ALA B 110 4.68 -8.98 -12.48
N PHE B 111 4.95 -9.09 -13.76
CA PHE B 111 4.58 -8.05 -14.66
C PHE B 111 3.15 -8.25 -15.02
N ASP B 112 2.26 -7.84 -14.14
CA ASP B 112 0.84 -8.00 -14.36
C ASP B 112 0.15 -7.28 -15.50
N ILE B 113 0.44 -6.00 -15.75
CA ILE B 113 -0.29 -5.22 -16.75
C ILE B 113 0.61 -4.73 -17.81
N TRP B 114 0.28 -5.01 -19.03
CA TRP B 114 1.16 -4.65 -20.10
C TRP B 114 0.53 -3.78 -21.15
N GLY B 115 1.30 -2.93 -21.78
CA GLY B 115 0.83 -2.09 -22.85
C GLY B 115 0.74 -2.85 -24.16
N GLN B 116 0.28 -2.14 -25.18
CA GLN B 116 0.12 -2.75 -26.49
C GLN B 116 1.45 -2.98 -27.20
N GLY B 117 2.46 -2.18 -26.91
CA GLY B 117 3.77 -2.41 -27.49
C GLY B 117 4.10 -1.48 -28.64
N THR B 118 5.15 -0.69 -28.47
CA THR B 118 5.71 0.10 -29.55
C THR B 118 6.88 -0.62 -30.17
N MET B 119 6.97 -0.55 -31.49
CA MET B 119 8.02 -1.24 -32.25
C MET B 119 9.06 -0.22 -32.68
N VAL B 120 10.22 -0.26 -32.06
CA VAL B 120 11.35 0.58 -32.43
C VAL B 120 12.19 -0.21 -33.43
N THR B 121 12.52 0.41 -34.55
CA THR B 121 13.30 -0.26 -35.59
C THR B 121 14.31 0.71 -36.17
N VAL B 122 15.54 0.24 -36.35
CA VAL B 122 16.59 1.04 -36.95
C VAL B 122 16.34 1.10 -38.45
N SER B 123 17.03 2.02 -39.10
CA SER B 123 16.85 2.22 -40.54
C SER B 123 18.16 2.68 -41.15
N SER B 124 18.17 2.80 -42.47
CA SER B 124 19.33 3.27 -43.22
C SER B 124 18.89 3.76 -44.59
N GLU C 1 34.62 11.24 3.28
CA GLU C 1 34.00 12.19 4.18
C GLU C 1 33.26 13.26 3.38
N VAL C 2 32.06 13.60 3.82
CA VAL C 2 31.28 14.65 3.17
C VAL C 2 31.92 16.01 3.50
N GLN C 3 32.14 16.80 2.47
CA GLN C 3 32.79 18.10 2.60
C GLN C 3 31.93 19.16 1.92
N LEU C 4 31.77 20.30 2.57
CA LEU C 4 30.90 21.35 2.06
C LEU C 4 31.54 22.71 2.28
N VAL C 5 32.08 23.23 1.19
CA VAL C 5 32.63 24.54 1.24
C VAL C 5 31.72 25.43 0.42
N GLU C 6 31.56 26.63 0.87
CA GLU C 6 30.74 27.59 0.16
C GLU C 6 31.46 28.94 0.12
N SER C 7 31.02 29.79 -0.80
CA SER C 7 31.79 30.99 -1.13
C SER C 7 30.85 32.14 -1.47
N GLY C 8 31.41 33.34 -1.47
CA GLY C 8 30.67 34.55 -1.73
C GLY C 8 30.67 35.48 -0.53
N GLY C 9 29.69 36.37 -0.49
CA GLY C 9 29.49 37.23 0.65
C GLY C 9 30.46 38.40 0.70
N GLY C 10 30.41 39.12 1.82
CA GLY C 10 31.21 40.31 2.00
C GLY C 10 30.42 41.51 2.49
N LEU C 11 30.38 42.57 1.68
CA LEU C 11 29.69 43.79 2.05
C LEU C 11 28.81 44.24 0.89
N VAL C 12 27.69 44.87 1.20
CA VAL C 12 26.74 45.34 0.20
C VAL C 12 25.98 46.55 0.75
N GLN C 13 25.66 47.48 -0.14
CA GLN C 13 24.75 48.56 0.17
C GLN C 13 23.33 48.02 0.27
N PRO C 14 22.49 48.61 1.11
CA PRO C 14 21.11 48.13 1.24
C PRO C 14 20.30 48.35 -0.04
N GLY C 15 19.96 47.25 -0.70
CA GLY C 15 19.31 47.29 -1.99
C GLY C 15 20.09 46.66 -3.12
N GLY C 16 21.23 46.03 -2.85
CA GLY C 16 22.07 45.45 -3.87
C GLY C 16 21.73 44.01 -4.17
N SER C 17 22.72 43.30 -4.72
CA SER C 17 22.54 41.90 -5.10
C SER C 17 23.85 41.15 -4.88
N LEU C 18 23.74 39.86 -4.56
CA LEU C 18 24.89 39.01 -4.35
C LEU C 18 24.64 37.66 -4.98
N ARG C 19 25.70 36.91 -5.22
CA ARG C 19 25.60 35.49 -5.55
C ARG C 19 26.26 34.68 -4.45
N LEU C 20 25.47 33.89 -3.74
CA LEU C 20 25.97 33.03 -2.67
C LEU C 20 26.06 31.61 -3.19
N SER C 21 27.28 31.12 -3.35
CA SER C 21 27.52 29.83 -4.00
C SER C 21 27.87 28.79 -2.95
N CYS C 22 27.08 27.72 -2.90
CA CYS C 22 27.37 26.53 -2.09
C CYS C 22 27.80 25.43 -3.06
N SER C 23 29.10 25.23 -3.18
CA SER C 23 29.64 24.33 -4.21
C SER C 23 30.73 23.45 -3.63
N ALA C 24 30.41 22.19 -3.39
CA ALA C 24 31.37 21.16 -3.01
C ALA C 24 30.76 19.81 -3.31
N SER C 25 31.56 18.89 -3.86
CA SER C 25 31.01 17.64 -4.38
C SER C 25 30.79 16.61 -3.27
N GLY C 26 31.88 16.06 -2.74
CA GLY C 26 31.87 15.15 -1.60
C GLY C 26 31.06 13.86 -1.65
N PHE C 27 30.26 13.65 -2.69
CA PHE C 27 29.32 12.53 -2.82
C PHE C 27 28.73 12.51 -4.22
N THR C 28 27.75 11.64 -4.46
CA THR C 28 26.94 11.71 -5.66
C THR C 28 25.92 12.83 -5.47
N PHE C 29 26.07 13.91 -6.22
CA PHE C 29 25.38 15.15 -5.89
C PHE C 29 23.99 15.26 -6.53
N SER C 30 23.82 14.74 -7.73
CA SER C 30 22.61 14.99 -8.51
C SER C 30 21.37 14.30 -7.94
N SER C 31 21.54 13.31 -7.08
CA SER C 31 20.39 12.65 -6.48
C SER C 31 19.87 13.35 -5.25
N TYR C 32 20.71 14.12 -4.55
CA TYR C 32 20.31 14.74 -3.31
C TYR C 32 19.53 16.02 -3.57
N ALA C 33 19.13 16.66 -2.49
CA ALA C 33 18.41 17.91 -2.58
C ALA C 33 18.91 18.65 -1.36
N MET C 34 19.56 19.82 -1.59
CA MET C 34 20.09 20.61 -0.49
C MET C 34 19.42 21.98 -0.40
N HIS C 35 19.46 22.58 0.80
CA HIS C 35 18.72 23.80 1.10
C HIS C 35 19.65 24.88 1.65
N TRP C 36 19.04 25.93 2.20
CA TRP C 36 19.74 27.05 2.82
C TRP C 36 19.15 27.36 4.20
N VAL C 37 20.02 27.64 5.16
CA VAL C 37 19.59 28.13 6.47
C VAL C 37 20.45 29.33 6.81
N ARG C 38 20.00 30.12 7.78
CA ARG C 38 20.72 31.34 8.13
C ARG C 38 20.63 31.58 9.63
N GLN C 39 21.55 32.41 10.12
CA GLN C 39 21.60 32.74 11.54
C GLN C 39 22.17 34.14 11.68
N ALA C 40 21.33 35.07 12.14
CA ALA C 40 21.81 36.40 12.49
C ALA C 40 22.78 36.30 13.66
N PRO C 41 23.76 37.20 13.75
CA PRO C 41 24.75 37.11 14.83
C PRO C 41 24.14 37.39 16.19
N GLY C 42 24.26 36.42 17.09
CA GLY C 42 23.70 36.53 18.42
C GLY C 42 22.23 36.18 18.52
N LYS C 43 21.64 35.63 17.47
CA LYS C 43 20.21 35.29 17.46
C LYS C 43 20.05 33.81 17.15
N GLY C 44 18.79 33.37 17.09
CA GLY C 44 18.49 31.99 16.80
C GLY C 44 18.65 31.67 15.32
N LEU C 45 18.45 30.40 15.00
CA LEU C 45 18.55 29.95 13.62
C LEU C 45 17.29 30.33 12.85
N GLU C 46 17.40 30.26 11.53
CA GLU C 46 16.30 30.65 10.66
C GLU C 46 16.43 29.88 9.35
N TYR C 47 15.29 29.48 8.82
CA TYR C 47 15.23 28.78 7.54
C TYR C 47 14.76 29.75 6.47
N VAL C 48 15.38 29.69 5.28
CA VAL C 48 15.18 30.68 4.25
C VAL C 48 14.67 30.07 2.94
N SER C 49 15.34 29.02 2.44
CA SER C 49 15.02 28.54 1.10
C SER C 49 15.44 27.09 0.93
N SER C 50 14.88 26.48 -0.13
CA SER C 50 15.14 25.08 -0.46
C SER C 50 14.88 24.80 -1.93
N ILE C 51 15.36 23.69 -2.41
CA ILE C 51 15.27 23.34 -3.81
C ILE C 51 14.96 21.85 -3.90
N SER C 52 14.47 21.40 -5.05
CA SER C 52 14.13 20.00 -5.23
C SER C 52 15.37 19.19 -5.54
N SER C 53 15.16 17.94 -5.97
CA SER C 53 16.30 17.11 -6.33
C SER C 53 16.76 17.39 -7.76
N ASN C 54 15.89 17.98 -8.58
CA ASN C 54 16.24 18.31 -9.95
C ASN C 54 16.14 19.81 -10.25
N GLY C 55 15.95 20.64 -9.23
CA GLY C 55 15.76 22.05 -9.46
C GLY C 55 14.36 22.43 -9.89
N GLY C 56 13.41 21.51 -9.81
CA GLY C 56 12.06 21.76 -10.31
C GLY C 56 11.24 22.69 -9.45
N SER C 57 10.96 22.28 -8.22
CA SER C 57 10.11 23.05 -7.33
C SER C 57 10.94 23.55 -6.15
N THR C 58 10.75 24.81 -5.80
CA THR C 58 11.39 25.45 -4.65
C THR C 58 10.33 25.78 -3.62
N TYR C 59 10.77 26.14 -2.43
CA TYR C 59 9.85 26.59 -1.40
C TYR C 59 10.65 27.58 -0.63
N TYR C 60 10.22 28.86 -0.61
CA TYR C 60 10.85 29.90 0.17
C TYR C 60 10.13 30.06 1.50
N ALA C 61 10.73 30.88 2.37
CA ALA C 61 10.17 31.13 3.68
C ALA C 61 9.02 32.13 3.58
N ASP C 62 8.47 32.51 4.73
CA ASP C 62 7.32 33.41 4.73
C ASP C 62 7.74 34.86 4.52
N SER C 63 8.82 35.28 5.18
CA SER C 63 9.25 36.67 5.15
C SER C 63 10.28 36.95 4.07
N VAL C 64 10.64 35.94 3.26
CA VAL C 64 11.71 36.09 2.28
C VAL C 64 11.18 35.94 0.85
N LYS C 65 9.93 35.51 0.67
CA LYS C 65 9.42 35.20 -0.66
C LYS C 65 9.21 36.45 -1.49
N GLY C 66 9.56 36.36 -2.78
CA GLY C 66 9.49 37.46 -3.69
C GLY C 66 10.80 38.18 -3.93
N ARG C 67 11.74 38.09 -2.99
CA ARG C 67 12.99 38.84 -3.09
C ARG C 67 14.17 37.97 -3.52
N PHE C 68 14.09 36.65 -3.38
CA PHE C 68 15.21 35.78 -3.69
C PHE C 68 14.86 34.87 -4.85
N THR C 69 15.89 34.21 -5.36
CA THR C 69 15.67 33.25 -6.42
C THR C 69 16.77 32.26 -6.22
N ILE C 70 16.46 31.04 -5.84
CA ILE C 70 17.42 29.95 -5.69
C ILE C 70 17.53 29.18 -6.99
N SER C 71 18.76 28.95 -7.43
CA SER C 71 18.99 28.18 -8.64
C SER C 71 20.17 27.24 -8.40
N ARG C 72 20.22 26.17 -9.18
CA ARG C 72 21.30 25.20 -9.05
C ARG C 72 21.59 24.61 -10.41
N ASP C 73 22.85 24.72 -10.84
CA ASP C 73 23.35 23.97 -11.98
C ASP C 73 23.80 22.64 -11.39
N ASN C 74 22.99 21.60 -11.56
CA ASN C 74 23.22 20.32 -10.90
C ASN C 74 24.43 19.61 -11.50
N SER C 75 24.77 19.90 -12.76
CA SER C 75 25.98 19.34 -13.36
C SER C 75 27.23 20.05 -12.86
N LYS C 76 27.13 21.35 -12.57
CA LYS C 76 28.27 22.12 -12.11
C LYS C 76 28.64 21.86 -10.66
N ASN C 77 27.80 21.11 -9.93
CA ASN C 77 27.98 20.80 -8.51
C ASN C 77 28.06 22.05 -7.66
N THR C 78 26.98 22.87 -7.89
CA THR C 78 26.83 24.20 -7.25
C THR C 78 25.38 24.70 -7.01
N LEU C 79 25.31 25.50 -5.85
CA LEU C 79 24.00 25.88 -5.33
C LEU C 79 24.00 27.39 -5.14
N TYR C 80 23.10 28.08 -5.83
CA TYR C 80 23.06 29.54 -5.77
C TYR C 80 21.85 30.15 -5.10
N LEU C 81 22.07 30.97 -4.10
CA LEU C 81 20.97 31.70 -3.51
C LEU C 81 21.25 33.09 -4.04
N GLN C 82 20.40 33.65 -4.88
CA GLN C 82 20.71 34.94 -5.49
C GLN C 82 20.02 36.07 -4.80
N MET C 83 20.74 36.81 -3.99
CA MET C 83 20.12 37.87 -3.21
C MET C 83 19.66 39.02 -4.10
N SER C 84 18.52 39.62 -3.72
CA SER C 84 18.02 40.83 -4.36
C SER C 84 17.13 41.56 -3.37
N SER C 85 17.26 42.89 -3.33
CA SER C 85 16.42 43.80 -2.54
C SER C 85 16.45 43.47 -1.05
N LEU C 86 17.66 43.36 -0.52
CA LEU C 86 17.84 42.99 0.87
C LEU C 86 17.56 44.18 1.79
N ARG C 87 17.42 43.88 3.08
CA ARG C 87 17.21 44.88 4.11
C ARG C 87 18.28 44.74 5.19
N VAL C 88 18.11 45.47 6.29
CA VAL C 88 19.04 45.42 7.40
C VAL C 88 18.97 44.08 8.14
N GLU C 89 17.83 43.41 8.11
CA GLU C 89 17.65 42.18 8.88
C GLU C 89 18.42 41.01 8.29
N ASP C 90 18.80 41.09 7.02
CA ASP C 90 19.40 39.95 6.31
C ASP C 90 20.91 39.85 6.53
N ALA C 91 21.48 40.60 7.45
CA ALA C 91 22.89 40.46 7.78
C ALA C 91 23.07 39.24 8.66
N ALA C 92 23.62 38.16 8.10
CA ALA C 92 23.71 36.90 8.81
C ALA C 92 24.81 36.06 8.18
N VAL C 93 24.99 34.86 8.70
CA VAL C 93 25.77 33.82 8.03
C VAL C 93 24.80 32.87 7.35
N TYR C 94 25.21 32.53 6.12
CA TYR C 94 24.42 31.65 5.34
C TYR C 94 25.16 30.31 5.22
N TYR C 95 24.58 29.32 5.90
CA TYR C 95 25.15 28.00 5.74
C TYR C 95 24.41 27.18 4.73
N CYS C 96 25.02 26.11 4.25
CA CYS C 96 24.35 25.22 3.32
C CYS C 96 23.95 24.00 4.12
N VAL C 97 22.80 23.40 3.83
CA VAL C 97 22.40 22.18 4.54
C VAL C 97 22.10 21.11 3.50
N LYS C 98 22.56 19.90 3.77
CA LYS C 98 22.33 18.77 2.88
C LYS C 98 21.27 17.84 3.46
N HIS C 99 20.40 17.33 2.60
CA HIS C 99 19.36 16.41 3.01
C HIS C 99 19.94 15.05 3.36
N TYR C 100 19.19 14.30 4.16
CA TYR C 100 19.63 12.96 4.56
C TYR C 100 19.31 11.94 3.48
N GLN C 101 18.03 11.77 3.17
CA GLN C 101 17.58 10.68 2.31
C GLN C 101 17.77 11.05 0.85
N GLN C 102 17.29 10.19 -0.04
CA GLN C 102 17.51 10.40 -1.47
C GLN C 102 16.50 11.37 -2.06
N GLN C 103 15.22 11.08 -1.94
CA GLN C 103 14.26 11.97 -2.57
C GLN C 103 12.92 12.15 -1.93
N LEU C 104 12.42 11.20 -1.13
CA LEU C 104 11.05 11.33 -0.65
C LEU C 104 10.97 11.17 0.86
N LEU C 105 9.76 11.44 1.37
CA LEU C 105 9.43 11.68 2.78
C LEU C 105 10.45 12.63 3.42
N TRP C 106 10.41 13.87 2.92
CA TRP C 106 11.47 14.84 3.20
C TRP C 106 11.48 15.27 4.65
N GLY C 107 12.69 15.38 5.19
CA GLY C 107 12.91 15.89 6.54
C GLY C 107 14.28 15.54 7.09
N GLY C 108 14.76 16.31 8.07
CA GLY C 108 15.97 15.95 8.77
C GLY C 108 17.27 16.12 8.00
N PRO C 109 17.75 17.36 7.85
CA PRO C 109 18.97 17.58 7.06
C PRO C 109 20.21 17.00 7.72
N ASP C 110 21.12 16.49 6.88
CA ASP C 110 22.19 15.61 7.36
C ASP C 110 23.40 16.36 7.91
N VAL C 111 24.10 17.12 7.07
CA VAL C 111 25.31 17.80 7.51
C VAL C 111 25.24 19.26 7.12
N TRP C 112 25.95 20.10 7.87
CA TRP C 112 25.97 21.53 7.63
C TRP C 112 27.32 21.94 7.04
N GLY C 113 27.31 23.02 6.28
CA GLY C 113 28.49 23.49 5.59
C GLY C 113 29.31 24.44 6.45
N GLN C 114 30.36 24.98 5.85
CA GLN C 114 31.29 25.82 6.60
C GLN C 114 30.69 27.19 6.90
N GLY C 115 30.34 27.97 5.88
CA GLY C 115 29.67 29.23 6.10
C GLY C 115 30.33 30.46 5.52
N THR C 116 29.54 31.27 4.81
CA THR C 116 29.93 32.61 4.42
C THR C 116 29.07 33.62 5.18
N THR C 117 29.52 34.87 5.20
CA THR C 117 28.82 35.91 5.93
C THR C 117 28.53 37.09 5.00
N VAL C 118 27.49 37.85 5.37
CA VAL C 118 27.13 39.09 4.69
C VAL C 118 26.90 40.16 5.72
N THR C 119 27.13 41.41 5.34
CA THR C 119 26.97 42.56 6.24
C THR C 119 26.28 43.69 5.51
N VAL C 120 25.52 44.50 6.25
CA VAL C 120 24.86 45.68 5.71
C VAL C 120 25.24 46.89 6.56
N SER C 121 25.53 48.00 5.88
CA SER C 121 25.91 49.26 6.52
C SER C 121 25.73 50.36 5.48
N SER C 122 26.24 51.55 5.80
CA SER C 122 26.22 52.66 4.86
C SER C 122 27.53 53.43 4.91
N ASP D 1 23.83 -11.02 -11.90
CA ASP D 1 23.09 -11.68 -12.96
C ASP D 1 22.85 -13.14 -12.61
N ILE D 2 21.59 -13.57 -12.75
CA ILE D 2 21.21 -14.94 -12.45
C ILE D 2 20.74 -15.64 -13.73
N GLN D 3 21.58 -16.50 -14.28
CA GLN D 3 21.23 -17.24 -15.48
C GLN D 3 20.16 -18.27 -15.16
N MET D 4 19.10 -18.28 -15.95
CA MET D 4 17.95 -19.15 -15.74
C MET D 4 17.68 -19.93 -17.01
N THR D 5 17.54 -21.25 -16.89
CA THR D 5 17.36 -22.14 -18.02
C THR D 5 16.04 -22.88 -17.88
N GLN D 6 15.23 -22.86 -18.95
CA GLN D 6 13.94 -23.51 -18.97
C GLN D 6 14.02 -24.69 -19.93
N SER D 7 13.41 -25.81 -19.56
CA SER D 7 13.57 -27.02 -20.34
C SER D 7 12.22 -27.71 -20.53
N PRO D 8 11.95 -28.31 -21.71
CA PRO D 8 12.77 -28.34 -22.92
C PRO D 8 12.60 -27.08 -23.75
N SER D 9 13.30 -26.99 -24.88
CA SER D 9 13.24 -25.80 -25.71
C SER D 9 12.22 -25.91 -26.83
N SER D 10 11.70 -27.10 -27.11
CA SER D 10 10.66 -27.27 -28.12
C SER D 10 9.87 -28.51 -27.76
N LEU D 11 8.60 -28.34 -27.42
CA LEU D 11 7.74 -29.42 -26.97
C LEU D 11 6.63 -29.64 -27.97
N SER D 12 6.08 -30.86 -27.99
CA SER D 12 4.92 -31.19 -28.81
C SER D 12 4.00 -32.11 -28.03
N ALA D 13 2.69 -31.91 -28.20
CA ALA D 13 1.69 -32.70 -27.50
C ALA D 13 0.39 -32.70 -28.29
N SER D 14 -0.66 -33.24 -27.68
CA SER D 14 -1.99 -33.25 -28.28
C SER D 14 -3.01 -32.82 -27.25
N VAL D 15 -4.30 -32.90 -27.60
CA VAL D 15 -5.35 -32.38 -26.73
C VAL D 15 -5.61 -33.36 -25.59
N GLY D 16 -5.54 -32.86 -24.36
CA GLY D 16 -5.93 -33.61 -23.19
C GLY D 16 -4.80 -34.13 -22.33
N ASP D 17 -3.57 -34.12 -22.82
CA ASP D 17 -2.47 -34.75 -22.10
C ASP D 17 -2.00 -33.88 -20.94
N ARG D 18 -1.27 -34.51 -20.01
CA ARG D 18 -0.61 -33.80 -18.92
C ARG D 18 0.77 -33.41 -19.39
N VAL D 19 0.98 -32.12 -19.59
CA VAL D 19 2.24 -31.61 -20.11
C VAL D 19 3.01 -30.95 -18.97
N THR D 20 4.27 -31.36 -18.79
CA THR D 20 5.15 -30.76 -17.80
C THR D 20 6.20 -29.89 -18.48
N ILE D 21 6.63 -28.84 -17.79
CA ILE D 21 7.64 -27.89 -18.25
C ILE D 21 8.48 -27.52 -17.05
N THR D 22 9.79 -27.76 -17.12
CA THR D 22 10.67 -27.51 -15.99
C THR D 22 11.56 -26.31 -16.26
N CYS D 23 12.10 -25.73 -15.18
CA CYS D 23 12.93 -24.54 -15.26
C CYS D 23 14.02 -24.61 -14.22
N ARG D 24 15.26 -24.42 -14.64
CA ARG D 24 16.42 -24.57 -13.77
C ARG D 24 17.11 -23.24 -13.57
N ALA D 25 17.51 -22.97 -12.33
CA ALA D 25 18.20 -21.75 -11.95
C ALA D 25 19.69 -22.03 -11.76
N SER D 26 20.47 -20.94 -11.70
CA SER D 26 21.90 -21.07 -11.43
C SER D 26 22.18 -21.11 -9.93
N GLN D 27 21.75 -20.09 -9.21
CA GLN D 27 21.83 -20.10 -7.76
C GLN D 27 20.40 -20.03 -7.19
N SER D 28 20.32 -19.86 -5.88
CA SER D 28 19.04 -19.97 -5.20
C SER D 28 18.12 -18.80 -5.53
N ILE D 29 16.85 -19.11 -5.72
CA ILE D 29 15.80 -18.12 -5.93
C ILE D 29 14.68 -18.51 -4.96
N SER D 30 14.44 -17.66 -3.97
CA SER D 30 13.52 -18.03 -2.90
C SER D 30 12.07 -17.87 -3.34
N ASN D 31 11.58 -18.86 -4.11
CA ASN D 31 10.23 -18.97 -4.70
C ASN D 31 9.72 -17.65 -5.29
N PHE D 32 10.60 -16.96 -6.00
CA PHE D 32 10.27 -15.67 -6.61
C PHE D 32 10.42 -15.72 -8.11
N LEU D 33 9.82 -16.72 -8.75
CA LEU D 33 9.78 -16.71 -10.20
C LEU D 33 8.34 -16.80 -10.67
N ASN D 34 8.11 -16.40 -11.91
CA ASN D 34 6.77 -16.34 -12.46
C ASN D 34 6.74 -17.03 -13.81
N TRP D 35 5.52 -17.33 -14.26
CA TRP D 35 5.27 -18.03 -15.51
C TRP D 35 4.38 -17.19 -16.39
N TYR D 36 4.76 -17.01 -17.64
CA TYR D 36 4.06 -16.14 -18.55
C TYR D 36 3.55 -16.92 -19.75
N GLN D 37 2.48 -16.42 -20.35
CA GLN D 37 1.92 -17.00 -21.57
C GLN D 37 1.83 -15.89 -22.62
N GLN D 38 2.42 -16.14 -23.78
CA GLN D 38 2.44 -15.17 -24.87
C GLN D 38 1.85 -15.83 -26.11
N LYS D 39 0.62 -15.48 -26.45
CA LYS D 39 0.08 -15.91 -27.72
C LYS D 39 0.78 -15.14 -28.84
N PRO D 40 1.05 -15.78 -29.99
CA PRO D 40 1.90 -15.14 -31.01
C PRO D 40 1.28 -13.93 -31.67
N GLY D 41 1.86 -12.77 -31.41
CA GLY D 41 1.34 -11.50 -31.88
C GLY D 41 0.49 -10.73 -30.89
N LYS D 42 0.76 -10.85 -29.59
CA LYS D 42 -0.06 -10.22 -28.57
C LYS D 42 0.85 -9.76 -27.44
N ALA D 43 0.25 -9.45 -26.32
CA ALA D 43 0.99 -9.05 -25.13
C ALA D 43 1.04 -10.20 -24.15
N PRO D 44 2.22 -10.64 -23.73
CA PRO D 44 2.30 -11.72 -22.74
C PRO D 44 1.71 -11.33 -21.40
N LYS D 45 0.81 -12.17 -20.91
CA LYS D 45 0.17 -12.00 -19.62
C LYS D 45 0.61 -13.10 -18.67
N LEU D 46 0.31 -12.92 -17.39
CA LEU D 46 0.80 -13.86 -16.38
C LEU D 46 -0.22 -14.95 -16.12
N LEU D 47 0.29 -16.13 -15.77
CA LEU D 47 -0.54 -17.24 -15.33
C LEU D 47 -0.26 -17.61 -13.88
N ILE D 48 0.99 -17.92 -13.57
CA ILE D 48 1.41 -18.32 -12.22
C ILE D 48 2.42 -17.31 -11.73
N TYR D 49 2.07 -16.60 -10.67
CA TYR D 49 2.99 -15.68 -10.01
C TYR D 49 3.44 -16.31 -8.70
N ALA D 50 4.73 -16.11 -8.38
CA ALA D 50 5.39 -16.66 -7.19
C ALA D 50 5.29 -18.18 -7.11
N ALA D 51 5.31 -18.83 -8.28
CA ALA D 51 5.51 -20.26 -8.50
C ALA D 51 4.42 -21.19 -8.00
N SER D 52 3.44 -20.69 -7.26
CA SER D 52 2.38 -21.59 -6.79
C SER D 52 0.98 -21.03 -6.86
N SER D 53 0.79 -19.72 -7.04
CA SER D 53 -0.53 -19.13 -7.02
C SER D 53 -0.94 -18.76 -8.44
N LEU D 54 -2.22 -18.94 -8.74
CA LEU D 54 -2.75 -18.66 -10.06
C LEU D 54 -3.34 -17.26 -10.10
N GLN D 55 -3.10 -16.56 -11.22
CA GLN D 55 -3.66 -15.24 -11.42
C GLN D 55 -5.17 -15.33 -11.61
N SER D 56 -5.91 -14.48 -10.90
CA SER D 56 -7.37 -14.47 -10.98
C SER D 56 -7.79 -14.02 -12.37
N GLY D 57 -8.36 -14.94 -13.14
CA GLY D 57 -8.67 -14.70 -14.53
C GLY D 57 -7.99 -15.72 -15.41
N VAL D 58 -7.67 -16.87 -14.84
CA VAL D 58 -7.01 -17.97 -15.55
C VAL D 58 -7.76 -19.24 -15.22
N PRO D 59 -8.07 -20.10 -16.21
CA PRO D 59 -8.70 -21.39 -15.90
C PRO D 59 -7.77 -22.26 -15.07
N SER D 60 -8.35 -22.95 -14.10
CA SER D 60 -7.58 -23.63 -13.05
C SER D 60 -6.95 -24.94 -13.50
N ARG D 61 -6.87 -25.20 -14.79
CA ARG D 61 -6.19 -26.39 -15.29
C ARG D 61 -4.67 -26.28 -15.23
N PHE D 62 -4.13 -25.09 -15.02
CA PHE D 62 -2.69 -24.88 -14.90
C PHE D 62 -2.21 -25.22 -13.49
N SER D 63 -0.94 -25.57 -13.39
CA SER D 63 -0.33 -25.89 -12.10
C SER D 63 1.17 -25.74 -12.20
N GLY D 64 1.77 -25.07 -11.21
CA GLY D 64 3.21 -24.94 -11.14
C GLY D 64 3.72 -25.21 -9.74
N SER D 65 4.98 -25.63 -9.62
CA SER D 65 5.50 -25.99 -8.32
C SER D 65 7.02 -25.85 -8.31
N GLY D 66 7.58 -25.92 -7.11
CA GLY D 66 9.02 -25.87 -6.92
C GLY D 66 9.46 -24.90 -5.85
N SER D 67 10.64 -25.12 -5.30
CA SER D 67 11.28 -24.17 -4.39
C SER D 67 12.78 -24.43 -4.41
N GLY D 68 13.56 -23.36 -4.41
CA GLY D 68 15.01 -23.51 -4.44
C GLY D 68 15.62 -23.25 -5.79
N THR D 69 15.98 -24.31 -6.51
CA THR D 69 16.66 -24.20 -7.79
C THR D 69 15.80 -24.60 -8.98
N ASP D 70 15.13 -25.75 -8.90
CA ASP D 70 14.35 -26.27 -10.02
C ASP D 70 12.86 -26.08 -9.77
N PHE D 71 12.15 -25.70 -10.84
CA PHE D 71 10.72 -25.43 -10.77
C PHE D 71 10.03 -26.05 -11.97
N THR D 72 8.87 -26.66 -11.72
CA THR D 72 8.11 -27.35 -12.74
C THR D 72 6.76 -26.69 -12.95
N LEU D 73 6.36 -26.58 -14.21
CA LEU D 73 5.03 -26.15 -14.62
C LEU D 73 4.32 -27.35 -15.24
N THR D 74 3.13 -27.67 -14.75
CA THR D 74 2.39 -28.85 -15.21
C THR D 74 1.00 -28.44 -15.65
N ILE D 75 0.74 -28.55 -16.95
CA ILE D 75 -0.62 -28.37 -17.48
C ILE D 75 -1.36 -29.69 -17.37
N SER D 76 -2.58 -29.65 -16.83
CA SER D 76 -3.32 -30.88 -16.59
C SER D 76 -3.96 -31.40 -17.87
N SER D 77 -4.84 -30.61 -18.48
CA SER D 77 -5.55 -31.02 -19.68
C SER D 77 -5.39 -29.95 -20.74
N LEU D 78 -4.79 -30.31 -21.88
CA LEU D 78 -4.57 -29.34 -22.93
C LEU D 78 -5.88 -29.02 -23.64
N GLN D 79 -5.87 -27.86 -24.31
CA GLN D 79 -7.02 -27.27 -24.97
C GLN D 79 -6.56 -26.76 -26.32
N PRO D 80 -7.45 -26.41 -27.25
CA PRO D 80 -6.99 -25.75 -28.48
C PRO D 80 -6.51 -24.33 -28.27
N GLU D 81 -6.86 -23.70 -27.15
CA GLU D 81 -6.53 -22.30 -26.91
C GLU D 81 -5.30 -22.15 -26.03
N ASP D 82 -4.60 -23.23 -25.72
CA ASP D 82 -3.38 -23.18 -24.91
C ASP D 82 -2.17 -23.64 -25.69
N PHE D 83 -2.05 -23.17 -26.93
CA PHE D 83 -0.95 -23.55 -27.82
C PHE D 83 -0.13 -22.28 -28.09
N ALA D 84 0.80 -21.99 -27.21
CA ALA D 84 1.63 -20.80 -27.31
C ALA D 84 2.90 -21.01 -26.48
N THR D 85 3.79 -20.04 -26.51
CA THR D 85 5.04 -20.16 -25.79
C THR D 85 4.81 -19.94 -24.28
N TYR D 86 5.81 -20.29 -23.49
CA TYR D 86 5.72 -20.18 -22.04
C TYR D 86 7.05 -19.73 -21.48
N TYR D 87 7.06 -18.56 -20.84
CA TYR D 87 8.28 -17.90 -20.41
C TYR D 87 8.51 -18.08 -18.92
N CYS D 88 9.77 -18.25 -18.53
CA CYS D 88 10.19 -18.46 -17.16
C CYS D 88 10.97 -17.23 -16.70
N GLN D 89 10.36 -16.42 -15.85
CA GLN D 89 11.00 -15.19 -15.39
C GLN D 89 11.10 -15.21 -13.88
N GLN D 90 12.28 -14.89 -13.36
CA GLN D 90 12.58 -14.89 -11.93
C GLN D 90 12.43 -13.49 -11.36
N SER D 91 12.60 -13.38 -10.03
CA SER D 91 12.66 -12.05 -9.44
C SER D 91 13.55 -12.12 -8.21
N TYR D 92 14.87 -12.01 -8.40
CA TYR D 92 15.73 -12.09 -7.23
C TYR D 92 16.78 -10.99 -7.16
N SER D 93 17.39 -10.65 -8.29
CA SER D 93 18.58 -9.81 -8.26
C SER D 93 18.20 -8.38 -8.65
N THR D 94 19.22 -7.52 -8.84
CA THR D 94 18.97 -6.24 -9.46
C THR D 94 18.60 -6.43 -10.93
N LEU D 95 19.19 -7.43 -11.56
CA LEU D 95 18.96 -7.74 -12.97
C LEU D 95 17.96 -8.87 -13.04
N TYR D 96 16.71 -8.53 -13.34
CA TYR D 96 15.69 -9.55 -13.56
C TYR D 96 15.99 -10.28 -14.86
N SER D 97 15.52 -11.52 -14.97
CA SER D 97 15.86 -12.28 -16.15
C SER D 97 14.69 -13.15 -16.58
N PHE D 98 14.66 -13.44 -17.88
CA PHE D 98 13.64 -14.27 -18.49
C PHE D 98 14.28 -15.55 -19.02
N GLY D 99 13.45 -16.58 -19.21
CA GLY D 99 13.91 -17.85 -19.74
C GLY D 99 14.09 -17.81 -21.24
N GLN D 100 14.00 -18.97 -21.87
CA GLN D 100 14.11 -19.06 -23.32
C GLN D 100 12.80 -19.41 -24.01
N GLY D 101 11.89 -20.09 -23.32
CA GLY D 101 10.59 -20.31 -23.89
C GLY D 101 10.39 -21.74 -24.37
N THR D 102 9.17 -22.23 -24.23
CA THR D 102 8.78 -23.56 -24.66
C THR D 102 7.65 -23.43 -25.67
N LYS D 103 7.96 -23.66 -26.94
CA LYS D 103 6.93 -23.68 -27.97
C LYS D 103 6.08 -24.93 -27.84
N LEU D 104 4.76 -24.78 -27.91
CA LEU D 104 3.83 -25.89 -27.86
C LEU D 104 3.24 -26.10 -29.25
N GLU D 105 3.30 -27.34 -29.74
CA GLU D 105 2.90 -27.69 -31.09
C GLU D 105 1.84 -28.79 -31.04
N ILE D 106 1.41 -29.23 -32.22
CA ILE D 106 0.33 -30.20 -32.35
C ILE D 106 0.86 -31.54 -32.86
N LYS D 107 -0.01 -32.53 -32.92
CA LYS D 107 0.36 -33.85 -33.44
C LYS D 107 -0.51 -34.23 -34.65
N ASP E 1 5.33 25.73 9.95
CA ASP E 1 5.35 26.97 10.72
C ASP E 1 4.89 26.70 12.15
N ILE E 2 5.70 25.98 12.90
CA ILE E 2 5.34 25.57 14.25
C ILE E 2 6.29 26.27 15.21
N GLN E 3 5.75 27.17 16.03
CA GLN E 3 6.56 27.95 16.96
C GLN E 3 7.02 27.06 18.10
N MET E 4 8.23 26.52 17.97
CA MET E 4 8.81 25.66 18.99
C MET E 4 9.24 26.50 20.18
N THR E 5 8.91 26.05 21.38
CA THR E 5 9.53 26.56 22.59
C THR E 5 10.64 25.60 23.01
N GLN E 6 11.49 26.07 23.92
CA GLN E 6 12.59 25.26 24.41
C GLN E 6 12.92 25.65 25.83
N SER E 7 13.06 24.65 26.70
CA SER E 7 13.28 24.90 28.12
C SER E 7 14.42 24.02 28.60
N PRO E 8 15.41 24.57 29.33
CA PRO E 8 15.52 25.99 29.70
C PRO E 8 16.16 26.84 28.60
N VAL E 9 16.38 28.13 28.90
CA VAL E 9 17.05 29.00 27.95
C VAL E 9 18.54 29.11 28.28
N SER E 10 18.91 28.88 29.55
CA SER E 10 20.29 28.93 30.00
C SER E 10 20.39 28.15 31.30
N LEU E 11 21.55 27.53 31.50
CA LEU E 11 21.75 26.77 32.73
C LEU E 11 23.25 26.70 33.01
N SER E 12 23.57 26.33 34.25
CA SER E 12 24.94 26.16 34.71
C SER E 12 25.06 24.80 35.37
N ALA E 13 25.88 23.93 34.79
CA ALA E 13 26.05 22.57 35.30
C ALA E 13 27.51 22.17 35.21
N SER E 14 27.95 21.36 36.17
CA SER E 14 29.32 20.86 36.19
C SER E 14 29.35 19.39 35.76
N VAL E 15 30.53 18.81 35.80
CA VAL E 15 30.73 17.43 35.33
C VAL E 15 30.17 16.47 36.37
N GLY E 16 29.26 15.60 35.92
CA GLY E 16 28.68 14.61 36.81
C GLY E 16 27.22 14.91 37.15
N ASP E 17 26.52 15.56 36.25
CA ASP E 17 25.10 15.89 36.43
C ASP E 17 24.27 15.17 35.38
N ARG E 18 22.96 15.44 35.41
CA ARG E 18 22.01 14.85 34.47
C ARG E 18 21.02 15.94 34.06
N VAL E 19 21.18 16.47 32.86
CA VAL E 19 20.36 17.56 32.36
C VAL E 19 19.40 17.02 31.29
N THR E 20 18.11 17.29 31.47
CA THR E 20 17.10 16.99 30.48
C THR E 20 16.58 18.29 29.87
N ILE E 21 16.53 18.32 28.55
CA ILE E 21 16.04 19.48 27.80
C ILE E 21 14.77 19.06 27.09
N THR E 22 13.76 19.94 27.11
CA THR E 22 12.50 19.67 26.43
C THR E 22 12.32 20.65 25.29
N CYS E 23 11.72 20.18 24.19
CA CYS E 23 11.33 21.01 23.07
C CYS E 23 9.89 20.66 22.73
N ARG E 24 8.96 21.58 23.01
CA ARG E 24 7.55 21.29 22.92
C ARG E 24 6.93 22.08 21.78
N ALA E 25 6.19 21.40 20.91
CA ALA E 25 5.59 22.02 19.75
C ALA E 25 4.11 22.28 19.98
N SER E 26 3.54 23.14 19.14
CA SER E 26 2.11 23.41 19.16
C SER E 26 1.36 22.43 18.27
N GLN E 27 1.69 22.42 16.98
CA GLN E 27 1.12 21.45 16.06
C GLN E 27 1.78 20.10 16.27
N SER E 28 0.95 19.06 16.42
CA SER E 28 1.42 17.74 16.81
C SER E 28 2.17 17.03 15.69
N ILE E 29 3.49 17.07 15.74
CA ILE E 29 4.31 16.23 14.89
C ILE E 29 4.41 14.85 15.55
N SER E 30 4.91 13.88 14.80
CA SER E 30 5.11 12.55 15.36
C SER E 30 6.45 12.03 14.89
N THR E 31 7.41 11.96 15.83
CA THR E 31 8.81 11.56 15.67
C THR E 31 9.50 12.04 14.39
N TRP E 32 9.28 13.31 14.03
CA TRP E 32 10.08 13.98 13.01
C TRP E 32 10.81 15.14 13.69
N LEU E 33 11.95 14.85 14.33
CA LEU E 33 12.67 15.87 15.09
C LEU E 33 14.10 15.41 15.34
N ALA E 34 15.05 16.31 15.14
CA ALA E 34 16.46 16.08 15.42
C ALA E 34 16.89 16.92 16.61
N TRP E 35 18.19 16.89 16.89
CA TRP E 35 18.80 17.78 17.87
C TRP E 35 20.17 18.18 17.37
N TYR E 36 20.61 19.37 17.78
CA TYR E 36 21.82 20.00 17.27
C TYR E 36 22.71 20.50 18.40
N GLN E 37 24.01 20.58 18.10
CA GLN E 37 24.99 21.17 19.01
C GLN E 37 25.83 22.15 18.23
N GLN E 38 25.95 23.37 18.73
CA GLN E 38 26.64 24.45 18.03
C GLN E 38 27.77 24.98 18.91
N LYS E 39 29.00 24.65 18.55
CA LYS E 39 30.15 25.30 19.16
C LYS E 39 30.27 26.72 18.61
N PRO E 40 30.58 27.71 19.46
CA PRO E 40 30.66 29.09 18.98
C PRO E 40 31.89 29.31 18.12
N GLY E 41 31.66 29.84 16.93
CA GLY E 41 32.71 30.14 15.98
C GLY E 41 32.68 29.30 14.73
N LYS E 42 32.00 28.16 14.75
CA LYS E 42 31.96 27.29 13.57
C LYS E 42 30.54 26.75 13.44
N ALA E 43 30.37 25.78 12.54
CA ALA E 43 29.05 25.28 12.19
C ALA E 43 28.52 24.31 13.23
N PRO E 44 27.20 24.23 13.39
CA PRO E 44 26.63 23.13 14.18
C PRO E 44 26.72 21.81 13.42
N LYS E 45 26.50 20.73 14.15
CA LYS E 45 26.54 19.39 13.57
C LYS E 45 25.38 18.56 14.08
N LEU E 46 24.99 17.56 13.29
CA LEU E 46 23.90 16.67 13.69
C LEU E 46 24.37 15.78 14.82
N LEU E 47 23.59 15.73 15.89
CA LEU E 47 23.90 14.87 17.02
C LEU E 47 23.02 13.62 17.05
N ILE E 48 21.71 13.78 17.12
CA ILE E 48 20.80 12.65 16.99
C ILE E 48 19.81 12.97 15.87
N TYR E 49 19.25 11.91 15.31
CA TYR E 49 18.41 12.03 14.13
C TYR E 49 17.12 11.25 14.37
N GLU E 50 16.00 11.89 14.04
CA GLU E 50 14.65 11.31 14.14
C GLU E 50 14.32 10.91 15.57
N THR E 51 14.85 11.68 16.53
CA THR E 51 14.56 11.77 17.97
C THR E 51 14.83 10.50 18.78
N SER E 52 15.20 9.41 18.13
CA SER E 52 15.59 8.20 18.85
C SER E 52 16.98 7.73 18.49
N SER E 53 17.30 7.67 17.21
CA SER E 53 18.55 7.08 16.73
C SER E 53 19.74 7.98 17.07
N LEU E 54 20.93 7.40 16.96
CA LEU E 54 22.17 8.10 17.27
C LEU E 54 23.05 8.15 16.02
N GLU E 55 23.60 9.33 15.76
CA GLU E 55 24.52 9.48 14.65
C GLU E 55 25.88 8.89 15.02
N SER E 56 26.60 8.40 14.03
CA SER E 56 27.93 7.86 14.26
C SER E 56 28.91 8.99 14.57
N GLY E 57 29.64 8.86 15.66
CA GLY E 57 30.62 9.85 16.06
C GLY E 57 30.35 10.56 17.36
N VAL E 58 29.65 9.93 18.30
CA VAL E 58 29.34 10.57 19.57
C VAL E 58 29.28 9.49 20.66
N PRO E 59 29.79 9.76 21.86
CA PRO E 59 29.54 8.85 22.98
C PRO E 59 28.07 8.84 23.36
N SER E 60 27.65 7.73 23.97
CA SER E 60 26.24 7.46 24.21
C SER E 60 25.73 8.07 25.53
N ARG E 61 26.36 9.13 26.01
CA ARG E 61 25.87 9.82 27.20
C ARG E 61 24.59 10.62 26.92
N PHE E 62 24.34 10.97 25.66
CA PHE E 62 23.11 11.63 25.26
C PHE E 62 22.08 10.58 24.85
N SER E 63 20.81 10.95 24.95
CA SER E 63 19.74 10.07 24.52
C SER E 63 18.53 10.91 24.14
N GLY E 64 17.81 10.47 23.12
CA GLY E 64 16.59 11.11 22.70
C GLY E 64 15.40 10.23 23.05
N SER E 65 14.25 10.86 23.27
CA SER E 65 13.03 10.15 23.63
C SER E 65 11.83 10.94 23.15
N GLY E 66 10.64 10.48 23.50
CA GLY E 66 9.42 11.22 23.24
C GLY E 66 8.87 11.08 21.84
N SER E 67 7.54 11.11 21.72
CA SER E 67 6.87 11.13 20.43
C SER E 67 5.54 11.87 20.61
N GLY E 68 5.36 12.93 19.82
CA GLY E 68 4.13 13.70 19.91
C GLY E 68 4.34 15.19 20.04
N THR E 69 3.85 15.77 21.14
CA THR E 69 3.94 17.22 21.31
C THR E 69 5.13 17.62 22.17
N GLU E 70 5.76 16.65 22.84
CA GLU E 70 6.86 16.93 23.74
C GLU E 70 7.92 15.84 23.65
N PHE E 71 9.18 16.28 23.59
CA PHE E 71 10.34 15.39 23.48
C PHE E 71 11.37 15.79 24.51
N THR E 72 12.17 14.82 24.96
CA THR E 72 13.18 15.04 25.99
C THR E 72 14.52 14.52 25.51
N LEU E 73 15.45 15.43 25.27
CA LEU E 73 16.86 15.07 25.13
C LEU E 73 17.49 15.03 26.51
N THR E 74 18.01 13.87 26.90
CA THR E 74 18.63 13.68 28.19
C THR E 74 20.12 13.43 28.05
N ILE E 75 20.89 13.96 28.99
CA ILE E 75 22.32 13.71 29.10
C ILE E 75 22.53 12.96 30.42
N SER E 76 23.02 11.73 30.34
CA SER E 76 23.16 10.92 31.55
C SER E 76 24.28 11.42 32.43
N SER E 77 25.49 11.51 31.89
CA SER E 77 26.67 11.98 32.62
C SER E 77 27.28 13.17 31.88
N LEU E 78 27.57 14.23 32.63
CA LEU E 78 28.19 15.39 32.03
C LEU E 78 29.67 15.16 31.79
N GLN E 79 30.23 15.93 30.86
CA GLN E 79 31.61 15.82 30.44
C GLN E 79 32.15 17.22 30.19
N PRO E 80 33.48 17.41 30.20
CA PRO E 80 34.03 18.74 29.89
C PRO E 80 34.14 19.04 28.40
N ASP E 81 33.45 18.29 27.54
CA ASP E 81 33.44 18.53 26.10
C ASP E 81 32.04 18.92 25.63
N ASP E 82 31.20 19.41 26.55
CA ASP E 82 29.83 19.82 26.26
C ASP E 82 29.61 21.29 26.61
N PHE E 83 30.55 22.13 26.23
CA PHE E 83 30.51 23.56 26.55
C PHE E 83 29.83 24.36 25.45
N ALA E 84 28.65 23.94 25.00
CA ALA E 84 28.01 24.61 23.87
C ALA E 84 26.53 24.84 24.12
N THR E 85 25.83 25.31 23.09
CA THR E 85 24.39 25.48 23.15
C THR E 85 23.73 24.45 22.24
N TYR E 86 22.44 24.23 22.46
CA TYR E 86 21.73 23.15 21.79
C TYR E 86 20.50 23.69 21.06
N TYR E 87 20.07 22.94 20.05
CA TYR E 87 18.98 23.35 19.18
C TYR E 87 18.11 22.15 18.87
N CYS E 88 16.80 22.32 18.97
CA CYS E 88 15.86 21.36 18.43
C CYS E 88 15.36 21.85 17.09
N GLN E 89 14.82 20.94 16.30
CA GLN E 89 14.33 21.31 14.97
C GLN E 89 13.20 20.38 14.56
N GLN E 90 12.06 20.95 14.20
CA GLN E 90 11.04 20.15 13.58
C GLN E 90 11.18 20.20 12.07
N PHE E 91 10.79 19.11 11.42
CA PHE E 91 10.78 19.07 9.96
C PHE E 91 9.56 18.33 9.42
N ASN E 92 8.43 18.41 10.13
CA ASN E 92 7.21 17.81 9.60
C ASN E 92 6.60 18.70 8.52
N SER E 93 6.19 19.92 8.89
CA SER E 93 5.76 20.90 7.90
C SER E 93 6.98 21.65 7.43
N TYR E 94 6.98 22.04 6.17
CA TYR E 94 8.26 22.33 5.54
C TYR E 94 8.97 23.65 5.91
N PRO E 95 8.30 24.75 6.32
CA PRO E 95 9.08 25.83 6.94
C PRO E 95 9.66 25.39 8.27
N TRP E 96 10.96 25.10 8.27
CA TRP E 96 11.63 24.54 9.43
C TRP E 96 11.81 25.64 10.47
N THR E 97 11.24 25.44 11.64
CA THR E 97 11.37 26.42 12.72
C THR E 97 12.27 25.82 13.80
N PHE E 98 13.53 26.24 13.80
CA PHE E 98 14.47 25.83 14.83
C PHE E 98 14.11 26.49 16.15
N GLY E 99 14.72 26.00 17.22
CA GLY E 99 14.41 26.46 18.57
C GLY E 99 15.05 27.79 18.91
N GLN E 100 15.31 27.99 20.19
CA GLN E 100 15.92 29.22 20.69
C GLN E 100 17.40 29.02 21.02
N GLY E 101 17.70 28.02 21.84
CA GLY E 101 19.06 27.80 22.31
C GLY E 101 19.12 27.63 23.81
N THR E 102 20.06 26.81 24.29
CA THR E 102 20.23 26.58 25.72
C THR E 102 21.74 26.55 26.01
N LYS E 103 22.25 27.65 26.54
CA LYS E 103 23.68 27.76 26.85
C LYS E 103 24.03 26.88 28.04
N VAL E 104 24.93 25.92 27.84
CA VAL E 104 25.39 25.05 28.91
C VAL E 104 26.67 25.66 29.47
N GLU E 105 26.58 26.23 30.67
CA GLU E 105 27.71 26.90 31.30
C GLU E 105 28.33 25.97 32.32
N ILE E 106 29.65 25.98 32.41
CA ILE E 106 30.37 25.09 33.31
C ILE E 106 30.94 25.90 34.47
N LYS E 107 30.87 25.33 35.66
CA LYS E 107 31.34 26.00 36.86
C LYS E 107 31.73 25.00 37.94
N GLN F 1 -38.90 -9.22 14.56
CA GLN F 1 -39.11 -8.23 15.61
C GLN F 1 -38.14 -7.05 15.53
N VAL F 2 -37.05 -7.23 14.79
CA VAL F 2 -36.07 -6.18 14.55
C VAL F 2 -36.30 -5.65 13.15
N GLN F 3 -36.30 -4.32 13.01
CA GLN F 3 -36.57 -3.71 11.71
C GLN F 3 -35.86 -2.36 11.65
N LEU F 4 -35.59 -1.94 10.42
CA LEU F 4 -34.94 -0.66 10.15
C LEU F 4 -35.88 0.23 9.35
N VAL F 5 -35.81 1.53 9.61
CA VAL F 5 -36.56 2.53 8.85
C VAL F 5 -35.58 3.61 8.42
N GLN F 6 -35.84 4.22 7.27
CA GLN F 6 -34.94 5.21 6.70
C GLN F 6 -35.66 6.53 6.50
N SER F 7 -34.91 7.51 5.99
CA SER F 7 -35.47 8.80 5.64
C SER F 7 -36.28 8.69 4.35
N GLY F 8 -37.01 9.74 4.02
CA GLY F 8 -37.81 9.76 2.82
C GLY F 8 -36.97 9.98 1.59
N ALA F 9 -37.65 10.02 0.45
CA ALA F 9 -36.99 10.25 -0.83
C ALA F 9 -36.51 11.69 -0.91
N GLU F 10 -35.41 11.89 -1.63
CA GLU F 10 -34.80 13.20 -1.74
C GLU F 10 -34.47 13.49 -3.20
N VAL F 11 -34.47 14.77 -3.53
CA VAL F 11 -34.02 15.25 -4.84
C VAL F 11 -32.79 16.11 -4.61
N LYS F 12 -31.81 15.99 -5.50
CA LYS F 12 -30.56 16.72 -5.35
C LYS F 12 -30.07 17.19 -6.71
N LYS F 13 -29.47 18.38 -6.72
CA LYS F 13 -28.83 18.88 -7.93
C LYS F 13 -27.48 18.19 -8.10
N PRO F 14 -26.99 18.06 -9.35
CA PRO F 14 -25.68 17.44 -9.55
C PRO F 14 -24.54 18.29 -9.02
N GLY F 15 -23.95 17.86 -7.92
CA GLY F 15 -22.85 18.58 -7.30
C GLY F 15 -23.01 18.75 -5.80
N SER F 16 -24.21 18.49 -5.29
CA SER F 16 -24.47 18.62 -3.87
C SER F 16 -24.09 17.33 -3.15
N SER F 17 -24.49 17.21 -1.89
CA SER F 17 -24.21 16.02 -1.09
C SER F 17 -25.47 15.60 -0.37
N VAL F 18 -25.61 14.30 -0.12
CA VAL F 18 -26.81 13.73 0.48
C VAL F 18 -26.44 13.00 1.77
N LYS F 19 -27.26 13.18 2.79
CA LYS F 19 -27.12 12.48 4.06
C LYS F 19 -28.34 11.57 4.23
N VAL F 20 -28.12 10.26 4.14
CA VAL F 20 -29.17 9.27 4.25
C VAL F 20 -29.06 8.59 5.60
N SER F 21 -30.14 8.56 6.36
CA SER F 21 -30.14 7.98 7.68
C SER F 21 -30.70 6.57 7.63
N CYS F 22 -30.47 5.81 8.70
CA CYS F 22 -31.02 4.46 8.86
C CYS F 22 -31.33 4.27 10.34
N LYS F 23 -32.57 4.55 10.72
CA LYS F 23 -32.97 4.51 12.13
C LYS F 23 -33.26 3.06 12.52
N ALA F 24 -32.37 2.47 13.30
CA ALA F 24 -32.55 1.10 13.74
C ALA F 24 -33.54 1.03 14.90
N SER F 25 -34.01 -0.18 15.18
CA SER F 25 -35.01 -0.40 16.22
C SER F 25 -34.96 -1.86 16.65
N GLY F 26 -35.62 -2.15 17.76
CA GLY F 26 -35.81 -3.52 18.19
C GLY F 26 -35.02 -3.94 19.41
N GLY F 27 -33.77 -3.52 19.50
CA GLY F 27 -32.89 -3.92 20.61
C GLY F 27 -31.82 -2.89 20.84
N THR F 28 -30.60 -3.36 21.07
CA THR F 28 -29.48 -2.46 21.28
C THR F 28 -28.77 -2.16 19.96
N PHE F 29 -28.25 -0.94 19.84
CA PHE F 29 -27.57 -0.52 18.62
C PHE F 29 -26.09 -0.91 18.64
N SER F 30 -25.53 -1.15 19.82
CA SER F 30 -24.08 -1.33 19.96
C SER F 30 -23.58 -2.64 19.37
N SER F 31 -24.47 -3.58 19.05
CA SER F 31 -24.06 -4.87 18.51
C SER F 31 -24.31 -4.98 17.00
N PHE F 32 -24.53 -3.86 16.32
CA PHE F 32 -24.92 -3.88 14.92
C PHE F 32 -23.70 -3.68 14.02
N ALA F 33 -23.83 -4.13 12.77
CA ALA F 33 -22.74 -4.13 11.80
C ALA F 33 -23.23 -3.60 10.46
N ILE F 34 -23.84 -2.41 10.50
CA ILE F 34 -24.62 -1.86 9.39
C ILE F 34 -23.78 -1.69 8.13
N SER F 35 -24.28 -2.23 7.01
CA SER F 35 -23.62 -2.15 5.73
C SER F 35 -24.62 -1.73 4.65
N TRP F 36 -24.21 -0.79 3.81
CA TRP F 36 -25.12 -0.11 2.89
C TRP F 36 -25.11 -0.79 1.54
N VAL F 37 -26.29 -0.88 0.91
CA VAL F 37 -26.46 -1.55 -0.37
C VAL F 37 -27.08 -0.56 -1.35
N ARG F 38 -26.40 -0.33 -2.47
CA ARG F 38 -26.86 0.59 -3.49
C ARG F 38 -27.39 -0.19 -4.69
N GLN F 39 -28.50 0.29 -5.25
CA GLN F 39 -29.19 -0.46 -6.30
C GLN F 39 -29.78 0.54 -7.30
N ALA F 40 -29.09 0.70 -8.43
CA ALA F 40 -29.68 1.42 -9.55
C ALA F 40 -30.84 0.61 -10.12
N PRO F 41 -31.90 1.27 -10.61
CA PRO F 41 -33.08 0.52 -11.04
C PRO F 41 -32.83 -0.25 -12.33
N GLY F 42 -33.10 -1.55 -12.26
CA GLY F 42 -32.86 -2.43 -13.39
C GLY F 42 -31.47 -3.04 -13.44
N GLN F 43 -30.73 -2.98 -12.34
CA GLN F 43 -29.41 -3.60 -12.27
C GLN F 43 -29.28 -4.36 -10.96
N GLY F 44 -28.14 -5.04 -10.81
CA GLY F 44 -27.90 -5.84 -9.63
C GLY F 44 -27.56 -5.00 -8.42
N LEU F 45 -27.33 -5.69 -7.30
CA LEU F 45 -27.00 -5.03 -6.06
C LEU F 45 -25.53 -4.62 -6.05
N GLU F 46 -25.13 -3.93 -5.00
CA GLU F 46 -23.76 -3.45 -4.86
C GLU F 46 -23.50 -3.15 -3.40
N TRP F 47 -22.31 -3.48 -2.93
CA TRP F 47 -21.93 -3.21 -1.56
C TRP F 47 -21.24 -1.85 -1.50
N MET F 48 -21.53 -1.09 -0.44
CA MET F 48 -20.98 0.24 -0.27
C MET F 48 -19.86 0.28 0.75
N GLY F 49 -20.14 -0.13 1.99
CA GLY F 49 -19.14 -0.07 3.03
C GLY F 49 -19.71 -0.35 4.39
N GLY F 50 -18.98 -1.08 5.21
CA GLY F 50 -19.48 -1.49 6.51
C GLY F 50 -18.93 -0.59 7.59
N ILE F 51 -19.64 -0.57 8.71
CA ILE F 51 -19.26 0.25 9.85
C ILE F 51 -19.68 -0.47 11.12
N ILE F 52 -18.76 -0.58 12.06
CA ILE F 52 -19.06 -1.21 13.35
C ILE F 52 -19.06 -0.09 14.39
N PRO F 53 -20.23 0.34 14.87
CA PRO F 53 -20.29 1.50 15.76
C PRO F 53 -19.69 1.28 17.14
N ILE F 54 -19.40 0.04 17.54
CA ILE F 54 -18.68 -0.15 18.80
C ILE F 54 -17.19 0.12 18.62
N TYR F 55 -16.70 0.16 17.39
CA TYR F 55 -15.32 0.54 17.10
C TYR F 55 -15.21 1.86 16.37
N GLY F 56 -16.13 2.15 15.47
CA GLY F 56 -16.05 3.32 14.64
C GLY F 56 -15.32 3.12 13.33
N THR F 57 -14.92 1.89 13.01
CA THR F 57 -14.22 1.59 11.78
C THR F 57 -15.15 1.72 10.58
N ALA F 58 -14.54 1.83 9.40
CA ALA F 58 -15.33 2.02 8.17
C ALA F 58 -14.54 1.40 7.01
N ASN F 59 -14.85 0.16 6.70
CA ASN F 59 -14.20 -0.54 5.59
C ASN F 59 -14.98 -0.27 4.32
N TYR F 60 -14.52 0.67 3.50
CA TYR F 60 -15.26 1.00 2.30
C TYR F 60 -14.91 0.06 1.16
N ALA F 61 -15.83 -0.02 0.21
CA ALA F 61 -15.56 -0.73 -1.02
C ALA F 61 -14.56 0.05 -1.86
N GLN F 62 -13.92 -0.64 -2.80
CA GLN F 62 -12.82 -0.03 -3.55
C GLN F 62 -13.32 0.97 -4.58
N LYS F 63 -14.60 0.93 -4.94
CA LYS F 63 -15.15 1.92 -5.85
C LYS F 63 -15.51 3.22 -5.12
N PHE F 64 -16.16 3.11 -3.97
CA PHE F 64 -16.60 4.29 -3.22
C PHE F 64 -15.53 4.77 -2.25
N GLN F 65 -14.30 4.97 -2.73
CA GLN F 65 -13.20 5.36 -1.85
C GLN F 65 -12.95 6.84 -1.99
N GLY F 66 -13.06 7.56 -0.88
CA GLY F 66 -12.87 9.00 -0.88
C GLY F 66 -14.10 9.80 -1.24
N ARG F 67 -15.19 9.16 -1.62
CA ARG F 67 -16.43 9.84 -1.96
C ARG F 67 -17.44 9.84 -0.83
N VAL F 68 -17.57 8.71 -0.14
CA VAL F 68 -18.58 8.54 0.91
C VAL F 68 -17.85 8.42 2.25
N THR F 69 -18.40 9.05 3.28
CA THR F 69 -17.87 8.94 4.64
C THR F 69 -18.99 8.37 5.52
N ILE F 70 -18.98 7.06 5.72
CA ILE F 70 -20.03 6.41 6.49
C ILE F 70 -19.75 6.57 7.98
N THR F 71 -20.63 7.26 8.67
CA THR F 71 -20.50 7.50 10.10
C THR F 71 -21.73 6.96 10.81
N ALA F 72 -21.63 6.86 12.13
CA ALA F 72 -22.75 6.37 12.94
C ALA F 72 -22.70 7.03 14.31
N ASP F 73 -23.87 7.38 14.83
CA ASP F 73 -24.01 7.96 16.15
C ASP F 73 -24.58 6.92 17.10
N GLU F 74 -23.97 6.81 18.28
CA GLU F 74 -24.40 5.80 19.25
C GLU F 74 -25.62 6.25 20.03
N SER F 75 -25.79 7.55 20.21
CA SER F 75 -26.91 8.05 21.01
C SER F 75 -28.23 7.93 20.26
N THR F 76 -28.26 8.43 19.03
CA THR F 76 -29.50 8.44 18.26
C THR F 76 -29.78 7.11 17.56
N SER F 77 -28.88 6.12 17.68
CA SER F 77 -29.04 4.76 17.16
C SER F 77 -29.22 4.75 15.64
N THR F 78 -28.57 5.69 14.96
CA THR F 78 -28.63 5.80 13.51
C THR F 78 -27.23 5.72 12.92
N ALA F 79 -27.14 5.29 11.67
CA ALA F 79 -25.88 5.21 10.94
C ALA F 79 -26.04 5.95 9.63
N TYR F 80 -25.31 7.06 9.48
CA TYR F 80 -25.49 7.92 8.32
C TYR F 80 -24.71 7.38 7.13
N MET F 81 -24.86 8.08 6.00
CA MET F 81 -24.06 7.79 4.81
C MET F 81 -23.92 9.11 4.05
N ASP F 82 -22.82 9.82 4.30
CA ASP F 82 -22.62 11.15 3.74
C ASP F 82 -21.99 11.02 2.36
N LEU F 83 -22.82 10.63 1.38
CA LEU F 83 -22.35 10.52 0.01
C LEU F 83 -22.20 11.90 -0.58
N SER F 84 -20.96 12.32 -0.80
CA SER F 84 -20.64 13.63 -1.33
C SER F 84 -20.25 13.53 -2.80
N SER F 85 -20.28 14.68 -3.46
CA SER F 85 -20.03 14.84 -4.90
C SER F 85 -20.94 13.93 -5.72
N LEU F 86 -22.25 14.22 -5.63
CA LEU F 86 -23.24 13.43 -6.35
C LEU F 86 -23.14 13.70 -7.85
N ARG F 87 -23.35 12.63 -8.62
CA ARG F 87 -23.32 12.70 -10.07
C ARG F 87 -24.66 12.24 -10.61
N SER F 88 -24.75 12.11 -11.93
CA SER F 88 -25.99 11.69 -12.57
C SER F 88 -26.16 10.18 -12.58
N GLU F 89 -25.12 9.42 -12.28
CA GLU F 89 -25.20 7.97 -12.25
C GLU F 89 -25.54 7.42 -10.88
N ASP F 90 -25.76 8.28 -9.90
CA ASP F 90 -26.00 7.84 -8.52
C ASP F 90 -27.47 7.89 -8.13
N THR F 91 -28.38 8.03 -9.09
CA THR F 91 -29.80 7.88 -8.78
C THR F 91 -30.12 6.39 -8.66
N ALA F 92 -30.57 5.98 -7.48
CA ALA F 92 -30.63 4.57 -7.12
C ALA F 92 -31.50 4.42 -5.89
N VAL F 93 -31.56 3.19 -5.37
CA VAL F 93 -32.21 2.88 -4.11
C VAL F 93 -31.13 2.49 -3.13
N TYR F 94 -31.20 2.99 -1.91
CA TYR F 94 -30.12 2.85 -0.93
C TYR F 94 -30.66 2.16 0.32
N TYR F 95 -30.24 0.92 0.54
CA TYR F 95 -30.69 0.10 1.66
C TYR F 95 -29.62 0.00 2.74
N CYS F 96 -30.06 -0.18 3.98
CA CYS F 96 -29.17 -0.46 5.09
C CYS F 96 -29.54 -1.82 5.69
N ALA F 97 -28.55 -2.53 6.21
CA ALA F 97 -28.77 -3.91 6.61
C ALA F 97 -27.90 -4.29 7.79
N ARG F 98 -28.53 -4.85 8.82
CA ARG F 98 -27.78 -5.49 9.90
C ARG F 98 -27.18 -6.78 9.39
N ASP F 99 -26.05 -7.18 9.97
CA ASP F 99 -25.22 -8.24 9.40
C ASP F 99 -25.34 -9.54 10.18
N GLY F 100 -26.54 -9.93 10.57
CA GLY F 100 -26.78 -11.30 11.00
C GLY F 100 -26.39 -11.63 12.42
N SER F 101 -25.34 -12.43 12.58
CA SER F 101 -25.00 -12.93 13.91
C SER F 101 -23.98 -12.03 14.61
N SER F 102 -22.81 -11.86 14.01
CA SER F 102 -21.65 -11.32 14.71
C SER F 102 -21.62 -9.80 14.66
N THR F 103 -20.81 -9.23 15.54
CA THR F 103 -20.63 -7.79 15.63
C THR F 103 -19.20 -7.36 15.36
N TYR F 104 -18.23 -7.94 16.07
CA TYR F 104 -16.83 -7.57 15.90
C TYR F 104 -16.25 -8.02 14.57
N TYR F 105 -16.93 -8.92 13.86
CA TYR F 105 -16.51 -9.36 12.54
C TYR F 105 -17.76 -9.38 11.67
N PRO F 106 -17.83 -8.52 10.66
CA PRO F 106 -19.08 -8.33 9.93
C PRO F 106 -19.32 -9.34 8.82
N HIS F 107 -18.67 -10.50 8.87
CA HIS F 107 -18.70 -11.42 7.74
C HIS F 107 -19.80 -12.46 7.91
N ASN F 108 -21.02 -12.09 7.54
CA ASN F 108 -22.20 -12.93 7.69
C ASN F 108 -23.20 -12.57 6.59
N TRP F 109 -24.45 -12.95 6.78
CA TRP F 109 -25.55 -12.60 5.88
C TRP F 109 -26.18 -11.27 6.31
N PHE F 110 -27.23 -10.84 5.60
CA PHE F 110 -27.88 -9.56 5.84
C PHE F 110 -29.34 -9.77 6.19
N ASP F 111 -29.73 -9.31 7.38
CA ASP F 111 -31.08 -9.44 7.92
C ASP F 111 -31.22 -8.42 9.05
N PRO F 112 -32.17 -7.49 9.00
CA PRO F 112 -33.16 -7.14 7.97
C PRO F 112 -32.58 -6.24 6.89
N TRP F 113 -33.43 -5.53 6.15
CA TRP F 113 -32.98 -4.68 5.06
C TRP F 113 -33.60 -3.29 5.05
N GLY F 114 -34.48 -2.97 5.99
CA GLY F 114 -35.06 -1.64 6.00
C GLY F 114 -36.06 -1.46 4.88
N GLN F 115 -36.07 -0.27 4.29
CA GLN F 115 -36.96 0.04 3.19
C GLN F 115 -36.24 1.02 2.25
N GLY F 116 -36.82 1.23 1.07
CA GLY F 116 -36.13 1.96 0.03
C GLY F 116 -36.07 3.46 0.26
N THR F 117 -34.96 4.05 -0.19
CA THR F 117 -34.75 5.50 -0.09
C THR F 117 -34.29 5.99 -1.45
N LEU F 118 -35.24 6.31 -2.32
CA LEU F 118 -34.94 6.67 -3.69
C LEU F 118 -34.45 8.11 -3.72
N VAL F 119 -33.13 8.29 -3.58
CA VAL F 119 -32.53 9.61 -3.68
C VAL F 119 -32.18 9.81 -5.16
N THR F 120 -33.05 10.53 -5.84
CA THR F 120 -32.86 10.76 -7.27
C THR F 120 -32.18 12.11 -7.50
N VAL F 121 -31.50 12.22 -8.63
CA VAL F 121 -30.76 13.42 -9.00
C VAL F 121 -31.28 13.92 -10.34
N SER F 122 -31.84 15.12 -10.36
CA SER F 122 -32.44 15.67 -11.56
C SER F 122 -32.50 17.19 -11.42
N SER F 123 -33.27 17.83 -12.30
CA SER F 123 -33.46 19.27 -12.27
C SER F 123 -34.86 19.62 -12.76
N GLN G 1 -16.55 -4.65 -9.23
CA GLN G 1 -16.77 -4.91 -7.81
C GLN G 1 -17.36 -6.30 -7.59
N SER G 2 -18.45 -6.59 -8.30
CA SER G 2 -19.18 -7.85 -8.13
C SER G 2 -18.38 -8.97 -8.78
N VAL G 3 -17.62 -9.71 -7.96
CA VAL G 3 -16.81 -10.80 -8.48
C VAL G 3 -17.66 -12.01 -8.87
N LEU G 4 -18.84 -12.17 -8.26
CA LEU G 4 -19.67 -13.36 -8.45
C LEU G 4 -20.30 -13.34 -9.84
N THR G 5 -20.00 -14.34 -10.64
CA THR G 5 -20.69 -14.56 -11.90
C THR G 5 -21.92 -15.43 -11.67
N GLN G 6 -23.05 -15.01 -12.23
CA GLN G 6 -24.33 -15.64 -12.03
C GLN G 6 -25.03 -15.69 -13.37
N PRO G 7 -25.84 -16.73 -13.64
CA PRO G 7 -26.55 -16.78 -14.92
C PRO G 7 -27.65 -15.74 -14.96
N PRO G 8 -27.87 -15.11 -16.13
CA PRO G 8 -28.81 -13.99 -16.16
C PRO G 8 -30.26 -14.40 -16.03
N SER G 9 -30.69 -15.43 -16.74
CA SER G 9 -32.07 -15.88 -16.67
C SER G 9 -32.13 -17.38 -16.81
N VAL G 10 -32.91 -18.02 -15.93
CA VAL G 10 -33.11 -19.46 -15.97
C VAL G 10 -34.62 -19.71 -15.86
N SER G 11 -35.08 -20.79 -16.47
CA SER G 11 -36.51 -21.05 -16.56
C SER G 11 -36.72 -22.56 -16.56
N GLY G 12 -37.94 -22.98 -16.87
CA GLY G 12 -38.25 -24.40 -16.93
C GLY G 12 -39.71 -24.67 -17.26
N ALA G 13 -40.31 -25.60 -16.53
CA ALA G 13 -41.71 -25.96 -16.70
C ALA G 13 -42.39 -25.89 -15.34
N PRO G 14 -43.70 -25.60 -15.30
CA PRO G 14 -44.41 -25.60 -14.02
C PRO G 14 -44.44 -26.96 -13.35
N GLY G 15 -43.77 -27.07 -12.23
CA GLY G 15 -43.64 -28.32 -11.52
C GLY G 15 -42.31 -29.04 -11.69
N GLN G 16 -41.20 -28.32 -11.85
CA GLN G 16 -39.90 -28.94 -12.07
C GLN G 16 -38.90 -28.42 -11.05
N ARG G 17 -37.68 -28.94 -11.16
CA ARG G 17 -36.57 -28.52 -10.32
C ARG G 17 -35.62 -27.67 -11.15
N VAL G 18 -35.50 -26.39 -10.82
CA VAL G 18 -34.62 -25.49 -11.53
C VAL G 18 -33.44 -25.17 -10.63
N THR G 19 -32.28 -24.94 -11.24
CA THR G 19 -31.05 -24.71 -10.52
C THR G 19 -30.41 -23.39 -10.95
N ILE G 20 -29.59 -22.82 -10.08
CA ILE G 20 -28.91 -21.56 -10.32
C ILE G 20 -27.48 -21.70 -9.83
N SER G 21 -26.52 -21.52 -10.73
CA SER G 21 -25.13 -21.60 -10.33
C SER G 21 -24.67 -20.26 -9.74
N CYS G 22 -23.54 -20.30 -9.05
CA CYS G 22 -22.92 -19.08 -8.54
C CYS G 22 -21.42 -19.31 -8.51
N THR G 23 -20.73 -18.93 -9.57
CA THR G 23 -19.32 -19.20 -9.73
C THR G 23 -18.54 -18.10 -9.02
N GLY G 24 -17.81 -18.47 -7.98
CA GLY G 24 -16.95 -17.56 -7.26
C GLY G 24 -15.54 -17.56 -7.79
N SER G 25 -14.60 -17.35 -6.87
CA SER G 25 -13.18 -17.41 -7.19
C SER G 25 -12.38 -17.89 -5.98
N SER G 26 -11.06 -17.79 -6.05
CA SER G 26 -10.24 -18.25 -4.92
C SER G 26 -10.15 -17.20 -3.83
N SER G 27 -10.58 -15.98 -4.11
CA SER G 27 -10.45 -14.89 -3.17
C SER G 27 -11.72 -14.57 -2.40
N ASN G 28 -12.85 -15.15 -2.79
CA ASN G 28 -14.11 -14.87 -2.11
C ASN G 28 -14.76 -16.08 -1.47
N ILE G 29 -14.95 -17.17 -2.21
CA ILE G 29 -15.53 -18.39 -1.67
C ILE G 29 -14.45 -19.38 -1.25
N GLY G 30 -13.42 -19.55 -2.08
CA GLY G 30 -12.32 -20.45 -1.79
C GLY G 30 -11.43 -20.02 -0.65
N SER G 31 -11.61 -18.82 -0.11
CA SER G 31 -10.92 -18.39 1.10
C SER G 31 -11.67 -18.77 2.36
N GLY G 32 -12.79 -19.49 2.21
CA GLY G 32 -13.53 -19.99 3.35
C GLY G 32 -14.77 -19.21 3.73
N TYR G 33 -15.11 -18.17 2.99
CA TYR G 33 -16.30 -17.40 3.33
C TYR G 33 -17.54 -18.08 2.77
N ASP G 34 -18.62 -18.06 3.54
CA ASP G 34 -19.83 -18.77 3.18
C ASP G 34 -20.64 -17.95 2.18
N VAL G 35 -21.70 -18.55 1.65
CA VAL G 35 -22.51 -17.97 0.58
C VAL G 35 -23.97 -18.08 0.98
N HIS G 36 -24.68 -16.96 0.94
CA HIS G 36 -26.09 -16.92 1.27
C HIS G 36 -26.90 -16.64 0.01
N TRP G 37 -28.21 -16.47 0.17
CA TRP G 37 -29.08 -16.16 -0.97
C TRP G 37 -30.20 -15.23 -0.54
N TYR G 38 -30.58 -14.32 -1.45
CA TYR G 38 -31.64 -13.36 -1.21
C TYR G 38 -32.69 -13.46 -2.32
N GLN G 39 -33.90 -13.02 -2.01
CA GLN G 39 -35.02 -13.07 -2.94
C GLN G 39 -35.65 -11.69 -3.01
N GLN G 40 -35.71 -11.10 -4.19
CA GLN G 40 -36.27 -9.77 -4.39
C GLN G 40 -37.58 -9.88 -5.16
N LEU G 41 -38.70 -9.64 -4.47
CA LEU G 41 -39.95 -9.46 -5.16
C LEU G 41 -39.99 -8.08 -5.80
N PRO G 42 -40.53 -7.94 -7.02
CA PRO G 42 -40.43 -6.66 -7.73
C PRO G 42 -41.31 -5.57 -7.14
N GLY G 43 -40.69 -4.62 -6.46
CA GLY G 43 -41.42 -3.52 -5.86
C GLY G 43 -41.25 -3.41 -4.36
N THR G 44 -40.27 -4.13 -3.79
CA THR G 44 -40.01 -4.08 -2.37
C THR G 44 -38.54 -4.38 -2.13
N ALA G 45 -38.15 -4.41 -0.86
CA ALA G 45 -36.79 -4.79 -0.51
C ALA G 45 -36.62 -6.30 -0.63
N PRO G 46 -35.44 -6.77 -1.00
CA PRO G 46 -35.22 -8.22 -1.04
C PRO G 46 -35.27 -8.88 0.33
N LYS G 47 -35.49 -10.19 0.28
CA LYS G 47 -35.76 -11.04 1.43
C LYS G 47 -34.53 -11.88 1.73
N LEU G 48 -34.66 -12.80 2.69
CA LEU G 48 -33.60 -13.73 3.06
C LEU G 48 -34.10 -15.15 2.82
N LEU G 49 -33.34 -15.93 2.07
CA LEU G 49 -33.75 -17.27 1.66
C LEU G 49 -32.91 -18.38 2.28
N ILE G 50 -31.61 -18.37 2.03
CA ILE G 50 -30.69 -19.39 2.52
C ILE G 50 -29.57 -18.69 3.27
N TYR G 51 -29.27 -19.16 4.47
CA TYR G 51 -28.11 -18.66 5.18
C TYR G 51 -27.23 -19.83 5.57
N GLY G 52 -25.92 -19.59 5.61
CA GLY G 52 -24.98 -20.63 5.95
C GLY G 52 -24.84 -21.72 4.92
N ASN G 53 -25.14 -21.41 3.65
CA ASN G 53 -25.07 -22.23 2.44
C ASN G 53 -26.10 -23.34 2.37
N SER G 54 -26.82 -23.61 3.46
CA SER G 54 -27.82 -24.67 3.40
C SER G 54 -29.10 -24.42 4.18
N ASN G 55 -29.14 -23.49 5.13
CA ASN G 55 -30.25 -23.46 6.06
C ASN G 55 -31.41 -22.65 5.49
N ARG G 56 -32.49 -22.54 6.27
CA ARG G 56 -33.66 -21.79 5.88
C ARG G 56 -34.25 -21.14 7.14
N PRO G 57 -34.65 -19.89 7.08
CA PRO G 57 -35.32 -19.26 8.22
C PRO G 57 -36.80 -19.60 8.22
N SER G 58 -37.48 -19.16 9.28
CA SER G 58 -38.89 -19.47 9.46
C SER G 58 -39.71 -18.60 8.52
N GLY G 59 -40.34 -19.22 7.53
CA GLY G 59 -41.19 -18.48 6.61
C GLY G 59 -41.02 -18.88 5.16
N VAL G 60 -40.22 -19.90 4.90
CA VAL G 60 -39.98 -20.35 3.54
C VAL G 60 -40.25 -21.85 3.48
N PRO G 61 -40.91 -22.35 2.42
CA PRO G 61 -41.15 -23.80 2.31
C PRO G 61 -39.88 -24.60 2.07
N ASP G 62 -40.02 -25.93 2.00
CA ASP G 62 -38.89 -26.81 1.81
C ASP G 62 -38.56 -27.06 0.35
N ARG G 63 -39.05 -26.21 -0.56
CA ARG G 63 -38.68 -26.30 -1.96
C ARG G 63 -37.35 -25.63 -2.24
N PHE G 64 -36.77 -24.95 -1.26
CA PHE G 64 -35.60 -24.10 -1.47
C PHE G 64 -34.39 -24.79 -0.87
N SER G 65 -33.42 -25.14 -1.71
CA SER G 65 -32.24 -25.86 -1.24
C SER G 65 -31.01 -25.34 -1.98
N GLY G 66 -29.91 -25.25 -1.24
CA GLY G 66 -28.66 -24.76 -1.79
C GLY G 66 -27.47 -25.46 -1.19
N SER G 67 -26.33 -25.31 -1.85
CA SER G 67 -25.10 -25.97 -1.44
C SER G 67 -23.91 -25.28 -2.09
N LYS G 68 -22.74 -25.42 -1.48
CA LYS G 68 -21.49 -24.96 -2.05
C LYS G 68 -20.56 -26.15 -2.25
N SER G 69 -19.68 -26.04 -3.24
CA SER G 69 -18.78 -27.14 -3.59
C SER G 69 -17.48 -26.54 -4.08
N GLY G 70 -16.51 -26.41 -3.18
CA GLY G 70 -15.23 -25.85 -3.56
C GLY G 70 -15.30 -24.36 -3.81
N THR G 71 -15.21 -23.97 -5.08
CA THR G 71 -15.31 -22.57 -5.48
C THR G 71 -16.70 -22.15 -5.90
N SER G 72 -17.47 -23.03 -6.53
CA SER G 72 -18.78 -22.67 -7.03
C SER G 72 -19.86 -22.91 -5.97
N ALA G 73 -21.10 -22.76 -6.38
CA ALA G 73 -22.25 -23.01 -5.50
C ALA G 73 -23.43 -23.40 -6.38
N SER G 74 -24.58 -23.62 -5.73
CA SER G 74 -25.80 -23.97 -6.44
C SER G 74 -27.00 -23.63 -5.57
N LEU G 75 -28.14 -23.43 -6.22
CA LEU G 75 -29.41 -23.21 -5.52
C LEU G 75 -30.50 -23.89 -6.32
N ALA G 76 -31.14 -24.88 -5.73
CA ALA G 76 -32.15 -25.67 -6.41
C ALA G 76 -33.53 -25.22 -5.97
N ILE G 77 -34.40 -24.94 -6.93
CA ILE G 77 -35.78 -24.57 -6.67
C ILE G 77 -36.66 -25.66 -7.28
N THR G 78 -37.33 -26.44 -6.44
CA THR G 78 -38.26 -27.47 -6.88
C THR G 78 -39.68 -26.91 -6.92
N GLY G 79 -40.45 -27.31 -7.93
CA GLY G 79 -41.83 -26.90 -7.97
C GLY G 79 -42.05 -25.43 -8.28
N LEU G 80 -41.85 -25.03 -9.52
CA LEU G 80 -42.12 -23.66 -9.92
C LEU G 80 -43.62 -23.36 -9.84
N GLN G 81 -43.94 -22.18 -9.33
CA GLN G 81 -45.32 -21.68 -9.31
C GLN G 81 -45.30 -20.20 -9.69
N ALA G 82 -46.40 -19.51 -9.39
CA ALA G 82 -46.54 -18.09 -9.69
C ALA G 82 -45.99 -17.20 -8.59
N GLU G 83 -45.25 -17.75 -7.64
CA GLU G 83 -44.50 -16.97 -6.66
C GLU G 83 -43.01 -17.13 -6.87
N ASP G 84 -42.58 -17.50 -8.08
CA ASP G 84 -41.18 -17.59 -8.43
C ASP G 84 -40.79 -16.64 -9.56
N GLU G 85 -41.69 -15.77 -9.99
CA GLU G 85 -41.35 -14.73 -10.97
C GLU G 85 -40.73 -13.57 -10.20
N ALA G 86 -39.46 -13.71 -9.85
CA ALA G 86 -38.79 -12.73 -8.99
C ALA G 86 -37.29 -12.75 -9.29
N ASP G 87 -36.51 -12.07 -8.47
CA ASP G 87 -35.06 -11.96 -8.63
C ASP G 87 -34.34 -12.54 -7.42
N TYR G 88 -33.36 -13.41 -7.68
CA TYR G 88 -32.57 -14.05 -6.64
C TYR G 88 -31.12 -13.63 -6.75
N TYR G 89 -30.48 -13.40 -5.60
CA TYR G 89 -29.12 -12.87 -5.56
C TYR G 89 -28.21 -13.77 -4.73
N CYS G 90 -27.00 -13.98 -5.25
CA CYS G 90 -25.95 -14.74 -4.59
C CYS G 90 -25.06 -13.77 -3.84
N GLN G 91 -24.82 -14.02 -2.57
CA GLN G 91 -24.08 -13.10 -1.73
C GLN G 91 -22.94 -13.81 -1.03
N SER G 92 -21.81 -13.13 -0.91
CA SER G 92 -20.63 -13.68 -0.27
C SER G 92 -19.75 -12.51 0.20
N TYR G 93 -18.49 -12.80 0.49
CA TYR G 93 -17.53 -11.81 0.95
C TYR G 93 -16.14 -12.09 0.37
N ASP G 94 -15.47 -11.03 -0.04
CA ASP G 94 -14.09 -11.13 -0.47
C ASP G 94 -13.19 -11.36 0.74
N SER G 95 -11.95 -11.75 0.46
CA SER G 95 -10.98 -11.93 1.52
C SER G 95 -10.52 -10.62 2.12
N SER G 96 -10.60 -9.52 1.38
CA SER G 96 -10.03 -8.23 1.77
C SER G 96 -11.07 -7.33 2.41
N LEU G 97 -11.97 -7.91 3.21
CA LEU G 97 -13.07 -7.22 3.91
C LEU G 97 -14.03 -6.50 2.97
N SER G 98 -14.08 -6.90 1.71
CA SER G 98 -14.92 -6.25 0.71
C SER G 98 -16.17 -7.07 0.46
N GLY G 99 -17.26 -6.37 0.13
CA GLY G 99 -18.52 -7.02 -0.11
C GLY G 99 -18.80 -7.25 -1.57
N VAL G 100 -19.45 -8.37 -1.87
CA VAL G 100 -19.80 -8.73 -3.24
C VAL G 100 -21.24 -9.22 -3.27
N PHE G 101 -21.89 -9.00 -4.40
CA PHE G 101 -23.21 -9.52 -4.65
C PHE G 101 -23.22 -10.15 -6.04
N GLY G 102 -24.24 -10.94 -6.30
CA GLY G 102 -24.37 -11.56 -7.60
C GLY G 102 -24.81 -10.58 -8.65
N THR G 103 -24.62 -10.97 -9.90
CA THR G 103 -25.04 -10.13 -11.02
C THR G 103 -26.55 -10.05 -11.11
N GLY G 104 -27.22 -11.19 -11.15
CA GLY G 104 -28.67 -11.20 -11.17
C GLY G 104 -29.29 -12.38 -11.88
N THR G 105 -30.33 -12.95 -11.28
CA THR G 105 -31.04 -14.07 -11.84
C THR G 105 -32.50 -13.71 -12.09
N LYS G 106 -33.02 -14.24 -13.19
CA LYS G 106 -34.40 -14.00 -13.60
C LYS G 106 -35.07 -15.36 -13.75
N VAL G 107 -35.95 -15.71 -12.82
CA VAL G 107 -36.66 -16.98 -12.86
C VAL G 107 -38.06 -16.72 -13.40
N THR G 108 -38.33 -17.26 -14.59
CA THR G 108 -39.60 -17.08 -15.28
C THR G 108 -40.22 -18.44 -15.56
N VAL G 109 -41.54 -18.49 -15.53
CA VAL G 109 -42.26 -19.72 -15.72
C VAL G 109 -42.70 -19.81 -17.18
N LEU G 110 -43.10 -21.00 -17.60
CA LEU G 110 -43.53 -21.23 -18.98
C LEU G 110 -45.02 -21.55 -19.06
#